data_4CHC
#
_entry.id   4CHC
#
_cell.length_a   206.000
_cell.length_b   79.160
_cell.length_c   70.300
_cell.angle_alpha   90.00
_cell.angle_beta   97.23
_cell.angle_gamma   90.00
#
_symmetry.space_group_name_H-M   'C 1 2 1'
#
_entity_poly.entity_id   1
_entity_poly.type   'polypeptide(L)'
_entity_poly.pdbx_seq_one_letter_code
;G(MSE)GSG(MSE)A(MSE)TDRPDHIDSRVWELSETQEDWITQVHGHVRRVVECWKYTICCLISN(MSE)HTHRGAPQY
DVFKWQDRSTIEWICSKKKVQYPERDTPDLYDNERAVAYKVLLVSDLSDHSPTSGIYHDLAFNLEGEAEESCALVLRGSQ
LQDIKGFLCRALEWVVSNNLTQEVVETISGEAK
;
_entity_poly.pdbx_strand_id   A,B,C,D,E,F
#
# COMPACT_ATOMS: atom_id res chain seq x y z
N THR A 9 9.53 11.53 -19.90
CA THR A 9 8.15 11.07 -19.52
C THR A 9 8.07 9.58 -19.22
N ASP A 10 9.09 8.83 -19.64
CA ASP A 10 9.20 7.42 -19.27
C ASP A 10 9.65 7.31 -17.83
N ARG A 11 9.29 6.21 -17.17
CA ARG A 11 9.58 6.07 -15.75
C ARG A 11 11.08 5.79 -15.54
N PRO A 12 11.70 6.48 -14.58
CA PRO A 12 13.07 6.15 -14.19
C PRO A 12 13.17 4.72 -13.66
N ASP A 13 14.26 4.04 -14.00
CA ASP A 13 14.45 2.64 -13.62
C ASP A 13 14.39 2.41 -12.11
N HIS A 14 14.83 3.39 -11.34
CA HIS A 14 14.86 3.27 -9.89
C HIS A 14 13.48 3.38 -9.19
N ILE A 15 12.44 3.74 -9.94
CA ILE A 15 11.07 3.75 -9.43
C ILE A 15 10.43 2.42 -9.79
N ASP A 16 9.68 1.85 -8.86
CA ASP A 16 8.99 0.59 -9.08
C ASP A 16 7.82 0.81 -10.01
N SER A 17 7.55 -0.16 -10.88
CA SER A 17 6.44 -0.08 -11.84
C SER A 17 5.10 0.24 -11.19
N ARG A 18 4.80 -0.48 -10.10
CA ARG A 18 3.54 -0.31 -9.37
C ARG A 18 3.33 1.11 -8.83
N VAL A 19 4.42 1.74 -8.41
CA VAL A 19 4.37 3.09 -7.87
C VAL A 19 4.10 4.07 -9.00
N TRP A 20 4.71 3.80 -10.15
CA TRP A 20 4.55 4.65 -11.32
C TRP A 20 3.14 4.58 -11.87
N GLU A 21 2.59 3.37 -11.93
CA GLU A 21 1.19 3.19 -12.34
C GLU A 21 0.24 3.89 -11.37
N LEU A 22 0.53 3.81 -10.08
CA LEU A 22 -0.32 4.43 -9.07
C LEU A 22 -0.31 5.96 -9.16
N SER A 23 0.84 6.53 -9.50
CA SER A 23 0.99 7.98 -9.57
C SER A 23 0.22 8.61 -10.73
N GLU A 24 0.09 7.89 -11.85
CA GLU A 24 -0.57 8.41 -13.06
C GLU A 24 -1.82 9.24 -12.80
N THR A 25 -2.69 8.74 -11.93
CA THR A 25 -4.03 9.29 -11.75
C THR A 25 -4.16 10.29 -10.61
N GLN A 26 -3.12 10.41 -9.78
CA GLN A 26 -3.22 11.18 -8.53
C GLN A 26 -3.27 12.68 -8.77
N GLU A 27 -2.45 13.18 -9.69
CA GLU A 27 -2.44 14.59 -10.06
C GLU A 27 -2.44 14.72 -11.58
N ASP A 28 -2.87 15.87 -12.09
CA ASP A 28 -2.77 16.13 -13.52
C ASP A 28 -1.38 16.68 -13.88
N TRP A 29 -0.45 15.77 -14.12
CA TRP A 29 0.97 16.11 -14.25
C TRP A 29 1.28 16.95 -15.49
N ILE A 30 0.58 16.67 -16.60
CA ILE A 30 0.78 17.44 -17.84
C ILE A 30 0.36 18.91 -17.69
N THR A 31 -0.57 19.20 -16.79
CA THR A 31 -0.94 20.57 -16.45
C THR A 31 0.21 21.36 -15.83
N GLN A 32 1.01 20.69 -14.98
CA GLN A 32 2.04 21.34 -14.18
C GLN A 32 3.36 21.59 -14.90
N VAL A 33 4.03 22.68 -14.52
CA VAL A 33 5.41 22.92 -14.96
C VAL A 33 6.28 21.89 -14.25
N HIS A 34 7.36 21.45 -14.88
CA HIS A 34 8.19 20.38 -14.31
C HIS A 34 7.32 19.21 -13.81
N GLY A 35 6.28 18.89 -14.55
CA GLY A 35 5.30 17.88 -14.15
C GLY A 35 5.87 16.49 -14.01
N HIS A 36 6.85 16.16 -14.85
CA HIS A 36 7.57 14.88 -14.76
C HIS A 36 8.40 14.81 -13.48
N VAL A 37 9.14 15.87 -13.20
CA VAL A 37 9.93 15.98 -11.99
C VAL A 37 9.03 15.91 -10.73
N ARG A 38 7.91 16.64 -10.75
CA ARG A 38 6.97 16.62 -9.63
C ARG A 38 6.42 15.23 -9.37
N ARG A 39 6.09 14.51 -10.44
CA ARG A 39 5.62 13.13 -10.36
C ARG A 39 6.67 12.19 -9.75
N VAL A 40 7.91 12.34 -10.18
CA VAL A 40 9.02 11.55 -9.65
C VAL A 40 9.22 11.84 -8.17
N VAL A 41 9.19 13.13 -7.81
CA VAL A 41 9.40 13.52 -6.42
C VAL A 41 8.32 12.92 -5.52
N GLU A 42 7.08 12.95 -5.98
CA GLU A 42 5.96 12.34 -5.26
C GLU A 42 6.12 10.84 -5.16
N CYS A 43 6.69 10.22 -6.18
CA CYS A 43 7.02 8.80 -6.13
C CYS A 43 8.13 8.49 -5.12
N TRP A 44 9.07 9.43 -4.93
CA TRP A 44 10.10 9.25 -3.90
C TRP A 44 9.42 9.19 -2.54
N LYS A 45 8.53 10.15 -2.28
CA LYS A 45 7.85 10.25 -1.00
C LYS A 45 6.95 9.06 -0.72
N TYR A 46 6.39 8.47 -1.76
CA TYR A 46 5.56 7.29 -1.60
C TYR A 46 6.41 6.03 -1.39
N THR A 47 7.56 5.99 -2.03
CA THR A 47 8.50 4.88 -1.86
C THR A 47 9.11 4.89 -0.46
N ILE A 48 9.40 6.08 0.05
CA ILE A 48 9.83 6.21 1.44
C ILE A 48 8.76 5.65 2.37
N CYS A 49 7.51 6.05 2.12
CA CYS A 49 6.38 5.56 2.91
C CYS A 49 6.35 4.05 2.97
N CYS A 50 6.58 3.40 1.83
CA CYS A 50 6.64 1.94 1.78
C CYS A 50 7.81 1.38 2.58
N LEU A 51 8.97 1.98 2.40
CA LEU A 51 10.18 1.55 3.11
C LEU A 51 9.99 1.64 4.62
N ILE A 52 9.44 2.75 5.10
CA ILE A 52 9.20 2.93 6.52
C ILE A 52 8.22 1.87 7.04
N SER A 53 7.17 1.59 6.28
CA SER A 53 6.14 0.63 6.69
C SER A 53 6.54 -0.84 6.49
N ASN A 54 7.77 -1.12 6.12
CA ASN A 54 8.27 -2.51 6.16
C ASN A 54 8.63 -3.02 7.57
N HIS A 56 7.54 -3.99 11.69
CA HIS A 56 6.44 -4.72 12.34
C HIS A 56 6.45 -4.54 13.87
N THR A 57 5.57 -5.27 14.56
CA THR A 57 5.51 -5.32 16.02
C THR A 57 5.69 -6.78 16.48
N GLY A 60 3.24 -9.30 15.82
CA GLY A 60 4.00 -9.10 14.59
C GLY A 60 3.29 -8.23 13.57
N ALA A 61 2.28 -7.51 14.02
CA ALA A 61 1.45 -6.69 13.12
C ALA A 61 2.25 -5.55 12.48
N PRO A 62 1.79 -5.03 11.32
CA PRO A 62 2.41 -3.88 10.67
C PRO A 62 2.44 -2.64 11.56
N GLN A 63 3.62 -2.03 11.71
CA GLN A 63 3.78 -0.86 12.57
C GLN A 63 3.08 0.38 12.03
N TYR A 64 2.96 0.45 10.70
CA TYR A 64 2.47 1.65 10.02
C TYR A 64 1.35 1.33 9.03
N ASP A 65 0.39 2.23 8.89
CA ASP A 65 -0.56 2.21 7.78
C ASP A 65 -0.15 3.34 6.87
N VAL A 66 -0.29 3.18 5.56
CA VAL A 66 0.02 4.25 4.59
C VAL A 66 -1.28 4.79 4.02
N PHE A 67 -1.55 6.07 4.28
CA PHE A 67 -2.72 6.75 3.74
C PHE A 67 -2.47 7.39 2.37
N LYS A 68 -1.21 7.67 2.05
CA LYS A 68 -0.90 8.36 0.80
C LYS A 68 -1.33 7.54 -0.43
N TRP A 69 -2.07 8.21 -1.32
CA TRP A 69 -2.61 7.61 -2.54
C TRP A 69 -3.55 6.42 -2.33
N GLN A 70 -4.27 6.41 -1.23
CA GLN A 70 -5.26 5.39 -0.97
C GLN A 70 -6.65 5.91 -1.29
N ASP A 71 -7.57 4.99 -1.54
CA ASP A 71 -8.95 5.36 -1.79
C ASP A 71 -9.50 6.07 -0.56
N ARG A 72 -10.35 7.05 -0.78
CA ARG A 72 -10.81 7.92 0.28
C ARG A 72 -11.71 7.21 1.29
N SER A 73 -12.48 6.23 0.82
CA SER A 73 -13.44 5.52 1.66
C SER A 73 -12.75 4.57 2.64
N THR A 74 -11.57 4.07 2.25
CA THR A 74 -10.74 3.27 3.14
C THR A 74 -10.10 4.13 4.23
N ILE A 75 -9.65 5.32 3.87
CA ILE A 75 -9.04 6.21 4.85
C ILE A 75 -10.07 6.51 5.92
N GLU A 76 -11.29 6.84 5.50
CA GLU A 76 -12.38 7.13 6.42
C GLU A 76 -12.70 5.94 7.33
N TRP A 77 -12.71 4.75 6.75
CA TRP A 77 -13.15 3.57 7.47
C TRP A 77 -12.23 3.29 8.67
N ILE A 78 -10.92 3.28 8.44
CA ILE A 78 -9.95 3.11 9.55
C ILE A 78 -9.81 4.30 10.46
N CYS A 79 -9.96 5.50 9.91
CA CYS A 79 -9.91 6.69 10.74
C CYS A 79 -11.03 6.65 11.76
N SER A 80 -12.22 6.23 11.33
CA SER A 80 -13.30 5.94 12.26
C SER A 80 -12.88 4.91 13.30
N LYS A 81 -12.37 3.78 12.82
CA LYS A 81 -12.02 2.67 13.70
C LYS A 81 -10.97 3.04 14.77
N LYS A 82 -10.06 3.95 14.41
CA LYS A 82 -9.00 4.37 15.31
C LYS A 82 -9.32 5.67 16.06
N LYS A 83 -10.56 6.16 15.92
CA LYS A 83 -11.03 7.36 16.59
C LYS A 83 -10.12 8.55 16.33
N VAL A 84 -9.87 8.80 15.05
CA VAL A 84 -8.94 9.81 14.60
C VAL A 84 -9.52 10.50 13.38
N GLN A 85 -9.30 11.80 13.25
CA GLN A 85 -9.79 12.56 12.09
C GLN A 85 -8.74 13.55 11.56
N TYR A 86 -8.63 13.62 10.23
CA TYR A 86 -7.77 14.61 9.57
C TYR A 86 -8.51 15.21 8.39
N PRO A 87 -8.30 16.51 8.13
CA PRO A 87 -8.96 17.09 6.96
C PRO A 87 -8.56 16.40 5.67
N GLU A 88 -9.50 16.33 4.73
CA GLU A 88 -9.26 15.71 3.41
C GLU A 88 -8.18 16.46 2.63
N ARG A 89 -8.01 17.75 2.92
CA ARG A 89 -6.92 18.56 2.36
C ARG A 89 -5.55 18.25 2.96
N ASP A 90 -5.53 18.00 4.28
CA ASP A 90 -4.31 17.72 5.02
C ASP A 90 -4.36 16.31 5.59
N THR A 91 -4.38 15.32 4.72
CA THR A 91 -4.32 13.95 5.17
C THR A 91 -2.85 13.56 5.30
N PRO A 92 -2.47 12.98 6.45
CA PRO A 92 -1.06 12.62 6.60
C PRO A 92 -0.66 11.42 5.74
N ASP A 93 0.65 11.20 5.59
CA ASP A 93 1.16 10.20 4.67
C ASP A 93 1.14 8.82 5.30
N LEU A 94 1.48 8.73 6.58
CA LEU A 94 1.35 7.46 7.28
C LEU A 94 0.98 7.62 8.75
N TYR A 95 0.42 6.54 9.31
CA TYR A 95 -0.07 6.50 10.67
C TYR A 95 0.62 5.36 11.40
N ASP A 96 1.22 5.67 12.54
CA ASP A 96 1.89 4.68 13.35
C ASP A 96 0.85 3.99 14.25
N ASN A 97 0.63 2.72 14.00
CA ASN A 97 -0.37 1.95 14.73
C ASN A 97 -0.08 1.79 16.23
N GLU A 98 1.19 1.85 16.61
CA GLU A 98 1.61 1.56 17.97
C GLU A 98 1.53 2.80 18.86
N ARG A 99 2.12 3.89 18.39
CA ARG A 99 2.14 5.15 19.14
C ARG A 99 0.86 5.96 19.00
N ALA A 100 0.08 5.66 17.96
CA ALA A 100 -1.13 6.41 17.60
C ALA A 100 -0.83 7.86 17.23
N VAL A 101 0.14 8.02 16.33
CA VAL A 101 0.60 9.33 15.88
C VAL A 101 0.73 9.25 14.35
N ALA A 102 0.60 10.39 13.67
CA ALA A 102 0.63 10.43 12.21
C ALA A 102 1.81 11.25 11.70
N TYR A 103 2.23 10.98 10.48
CA TYR A 103 3.40 11.61 9.90
C TYR A 103 3.17 12.05 8.47
N LYS A 104 3.96 13.03 8.05
CA LYS A 104 3.96 13.52 6.69
C LYS A 104 5.40 13.51 6.21
N VAL A 105 5.67 12.85 5.07
CA VAL A 105 7.02 12.81 4.53
C VAL A 105 7.28 14.07 3.70
N LEU A 106 8.42 14.72 3.98
CA LEU A 106 8.81 15.96 3.33
C LEU A 106 10.21 15.85 2.77
N LEU A 107 10.46 16.49 1.63
CA LEU A 107 11.82 16.58 1.11
C LEU A 107 12.26 18.03 1.17
N VAL A 108 13.45 18.25 1.73
CA VAL A 108 13.90 19.58 2.13
C VAL A 108 15.34 19.86 1.69
N SER A 109 15.67 21.14 1.53
CA SER A 109 17.03 21.59 1.19
C SER A 109 17.90 21.82 2.43
N ASP A 110 17.34 22.50 3.42
CA ASP A 110 18.06 22.79 4.66
C ASP A 110 17.42 22.06 5.85
N LEU A 111 18.14 21.09 6.41
CA LEU A 111 17.66 20.36 7.58
C LEU A 111 17.80 21.18 8.84
N SER A 112 18.80 22.05 8.86
CA SER A 112 19.11 22.85 10.04
C SER A 112 17.93 23.70 10.47
N ASP A 113 17.46 24.55 9.55
CA ASP A 113 16.40 25.51 9.86
C ASP A 113 15.02 24.96 9.43
N HIS A 114 14.49 24.01 10.21
CA HIS A 114 13.21 23.37 9.90
C HIS A 114 12.20 23.47 11.04
N SER A 115 11.05 24.04 10.74
CA SER A 115 9.95 24.18 11.71
C SER A 115 8.81 23.26 11.31
N PRO A 116 8.10 22.70 12.31
CA PRO A 116 6.91 21.89 12.02
C PRO A 116 5.94 22.58 11.06
N THR A 117 5.35 21.79 10.18
CA THR A 117 4.43 22.26 9.16
C THR A 117 2.99 22.25 9.67
N SER A 118 2.75 21.53 10.76
CA SER A 118 1.41 21.27 11.25
C SER A 118 1.40 21.00 12.74
N GLY A 119 0.24 21.19 13.35
CA GLY A 119 0.02 20.87 14.77
C GLY A 119 -0.87 19.67 14.95
N ILE A 120 -1.19 18.99 13.85
CA ILE A 120 -2.08 17.83 13.83
C ILE A 120 -1.33 16.52 13.49
N TYR A 121 -0.23 16.62 12.75
CA TYR A 121 0.65 15.48 12.47
C TYR A 121 2.10 15.96 12.50
N HIS A 122 3.04 15.01 12.51
CA HIS A 122 4.45 15.34 12.59
C HIS A 122 5.15 15.16 11.25
N ASP A 123 6.11 16.03 10.98
CA ASP A 123 6.88 15.98 9.73
C ASP A 123 8.02 14.96 9.82
N LEU A 124 8.27 14.25 8.73
CA LEU A 124 9.46 13.41 8.57
C LEU A 124 10.26 13.94 7.39
N ALA A 125 11.14 14.89 7.65
CA ALA A 125 11.89 15.56 6.60
C ALA A 125 13.16 14.80 6.24
N PHE A 126 13.55 14.89 4.97
CA PHE A 126 14.78 14.24 4.49
C PHE A 126 15.51 15.14 3.50
N ASN A 127 16.83 14.97 3.42
CA ASN A 127 17.66 15.56 2.37
C ASN A 127 17.55 14.79 1.07
N LEU A 128 18.06 15.39 0.00
CA LEU A 128 18.25 14.67 -1.26
C LEU A 128 19.41 13.67 -1.10
N GLU A 129 20.38 14.04 -0.27
CA GLU A 129 21.42 13.11 0.18
C GLU A 129 20.89 11.95 1.05
N GLY A 130 19.70 12.11 1.63
CA GLY A 130 19.09 11.05 2.42
C GLY A 130 19.31 11.20 3.91
N GLU A 131 19.99 12.27 4.33
CA GLU A 131 20.16 12.58 5.74
C GLU A 131 18.80 13.02 6.27
N ALA A 132 18.49 12.63 7.51
CA ALA A 132 17.20 12.95 8.11
C ALA A 132 17.33 14.09 9.11
N GLU A 133 16.24 14.82 9.32
CA GLU A 133 16.22 15.90 10.32
C GLU A 133 16.31 15.28 11.73
N GLU A 134 16.71 16.07 12.72
CA GLU A 134 16.95 15.52 14.06
C GLU A 134 15.73 14.84 14.72
N SER A 135 14.54 15.40 14.51
CA SER A 135 13.29 14.82 15.04
C SER A 135 12.90 13.59 14.27
N CYS A 136 13.04 13.66 12.96
CA CYS A 136 12.78 12.52 12.10
C CYS A 136 13.65 11.31 12.50
N ALA A 137 14.91 11.56 12.79
CA ALA A 137 15.87 10.49 13.09
C ALA A 137 15.59 9.81 14.43
N LEU A 138 15.00 10.55 15.37
CA LEU A 138 14.63 9.99 16.67
C LEU A 138 13.49 8.97 16.57
N VAL A 139 12.59 9.19 15.62
CA VAL A 139 11.42 8.33 15.44
C VAL A 139 11.70 7.04 14.65
N LEU A 140 12.69 7.05 13.77
CA LEU A 140 12.96 5.92 12.90
C LEU A 140 14.07 5.03 13.44
N ARG A 141 14.04 3.76 13.06
CA ARG A 141 15.13 2.84 13.36
C ARG A 141 16.23 3.08 12.33
N GLY A 142 17.47 2.73 12.68
CA GLY A 142 18.58 2.85 11.75
C GLY A 142 18.33 2.03 10.50
N SER A 143 17.69 0.88 10.71
CA SER A 143 17.22 0.03 9.63
C SER A 143 16.53 0.83 8.53
N GLN A 144 15.55 1.63 8.94
CA GLN A 144 14.72 2.38 8.01
C GLN A 144 15.49 3.51 7.33
N LEU A 145 16.36 4.18 8.08
CA LEU A 145 17.17 5.23 7.50
C LEU A 145 18.07 4.69 6.41
N GLN A 146 18.69 3.54 6.65
CA GLN A 146 19.63 2.96 5.68
C GLN A 146 18.95 2.63 4.36
N ASP A 147 17.77 1.99 4.45
CA ASP A 147 16.90 1.77 3.28
C ASP A 147 16.62 3.06 2.53
N ILE A 148 16.10 4.05 3.25
CA ILE A 148 15.75 5.36 2.68
C ILE A 148 16.95 6.04 2.04
N LYS A 149 18.07 6.05 2.74
CA LYS A 149 19.31 6.64 2.25
C LYS A 149 19.83 5.87 1.04
N GLY A 150 19.71 4.54 1.07
CA GLY A 150 20.09 3.70 -0.08
C GLY A 150 19.30 4.05 -1.32
N PHE A 151 17.98 4.17 -1.17
CA PHE A 151 17.09 4.55 -2.26
C PHE A 151 17.36 5.94 -2.83
N LEU A 152 17.58 6.92 -1.96
CA LEU A 152 17.72 8.31 -2.41
C LEU A 152 19.05 8.58 -3.11
N CYS A 153 20.04 7.73 -2.85
CA CYS A 153 21.28 7.78 -3.59
C CYS A 153 21.08 7.31 -5.01
N ARG A 154 20.31 6.24 -5.17
CA ARG A 154 19.89 5.80 -6.50
C ARG A 154 19.10 6.90 -7.19
N ALA A 155 18.22 7.57 -6.45
CA ALA A 155 17.47 8.70 -6.97
C ALA A 155 18.39 9.83 -7.41
N LEU A 156 19.35 10.17 -6.55
CA LEU A 156 20.23 11.31 -6.81
C LEU A 156 21.25 11.03 -7.91
N GLU A 157 21.57 9.76 -8.10
CA GLU A 157 22.39 9.35 -9.23
C GLU A 157 21.65 9.72 -10.52
N TRP A 158 20.39 9.32 -10.59
CA TRP A 158 19.54 9.56 -11.76
C TRP A 158 19.37 11.05 -12.04
N VAL A 159 19.23 11.87 -10.98
CA VAL A 159 19.14 13.31 -11.13
C VAL A 159 20.41 13.89 -11.77
N VAL A 160 21.56 13.47 -11.27
CA VAL A 160 22.84 13.98 -11.77
C VAL A 160 23.11 13.54 -13.23
N SER A 161 22.77 12.29 -13.58
CA SER A 161 22.84 11.80 -14.97
C SER A 161 22.14 12.72 -15.95
N ASN A 162 20.92 13.07 -15.61
CA ASN A 162 20.03 13.85 -16.45
C ASN A 162 20.10 15.35 -16.19
N ASN A 163 21.02 15.74 -15.29
CA ASN A 163 21.21 17.13 -14.88
C ASN A 163 19.88 17.81 -14.56
N LEU A 164 19.18 17.24 -13.58
CA LEU A 164 17.87 17.73 -13.17
C LEU A 164 17.90 18.41 -11.80
N THR A 165 19.09 18.76 -11.30
CA THR A 165 19.22 19.29 -9.94
C THR A 165 18.49 20.61 -9.73
N GLN A 166 18.64 21.56 -10.64
CA GLN A 166 17.93 22.84 -10.51
C GLN A 166 16.43 22.64 -10.40
N GLU A 167 15.88 21.81 -11.29
CA GLU A 167 14.44 21.57 -11.32
C GLU A 167 13.94 20.83 -10.08
N VAL A 168 14.75 19.90 -9.60
CA VAL A 168 14.41 19.14 -8.41
C VAL A 168 14.42 20.10 -7.22
N VAL A 169 15.45 20.94 -7.14
CA VAL A 169 15.58 21.89 -6.04
C VAL A 169 14.41 22.87 -6.02
N GLU A 170 14.07 23.47 -7.16
CA GLU A 170 12.96 24.42 -7.22
C GLU A 170 11.67 23.79 -6.70
N THR A 171 11.37 22.58 -7.15
CA THR A 171 10.14 21.90 -6.76
C THR A 171 10.06 21.57 -5.25
N ILE A 172 11.13 21.83 -4.51
CA ILE A 172 11.11 21.80 -3.06
C ILE A 172 10.94 23.21 -2.49
N THR B 9 -22.36 -29.75 -8.26
CA THR B 9 -22.41 -28.42 -7.59
C THR B 9 -22.80 -28.51 -6.10
N ASP B 10 -22.44 -29.63 -5.47
CA ASP B 10 -22.67 -29.86 -4.03
C ASP B 10 -21.47 -29.30 -3.26
N ARG B 11 -21.54 -29.24 -1.94
CA ARG B 11 -20.41 -28.74 -1.14
C ARG B 11 -19.27 -29.76 -1.15
N PRO B 12 -18.01 -29.29 -1.36
CA PRO B 12 -16.86 -30.18 -1.21
C PRO B 12 -16.69 -30.64 0.24
N ASP B 13 -16.18 -31.85 0.43
CA ASP B 13 -16.02 -32.41 1.78
C ASP B 13 -14.96 -31.69 2.62
N HIS B 14 -13.98 -31.06 1.98
CA HIS B 14 -12.99 -30.27 2.71
C HIS B 14 -13.56 -28.96 3.23
N ILE B 15 -14.68 -28.51 2.65
CA ILE B 15 -15.37 -27.30 3.12
C ILE B 15 -16.32 -27.67 4.27
N ASP B 16 -16.28 -26.88 5.33
CA ASP B 16 -17.13 -27.09 6.50
C ASP B 16 -18.58 -26.76 6.11
N SER B 17 -19.53 -27.47 6.73
CA SER B 17 -20.96 -27.29 6.46
C SER B 17 -21.47 -25.90 6.78
N ARG B 18 -21.02 -25.34 7.90
CA ARG B 18 -21.47 -24.03 8.37
C ARG B 18 -21.04 -22.94 7.38
N VAL B 19 -19.79 -23.05 6.93
CA VAL B 19 -19.21 -22.11 5.99
C VAL B 19 -19.93 -22.17 4.64
N TRP B 20 -20.26 -23.39 4.18
CA TRP B 20 -20.97 -23.59 2.92
C TRP B 20 -22.37 -22.98 2.97
N GLU B 21 -23.12 -23.28 4.03
CA GLU B 21 -24.45 -22.71 4.23
C GLU B 21 -24.39 -21.19 4.22
N LEU B 22 -23.48 -20.64 5.02
CA LEU B 22 -23.31 -19.20 5.14
C LEU B 22 -22.93 -18.51 3.83
N SER B 23 -22.23 -19.21 2.94
CA SER B 23 -21.83 -18.66 1.64
C SER B 23 -23.00 -18.44 0.69
N GLU B 24 -23.93 -19.41 0.68
CA GLU B 24 -25.04 -19.45 -0.29
C GLU B 24 -25.64 -18.09 -0.67
N THR B 25 -25.91 -17.26 0.33
CA THR B 25 -26.62 -16.00 0.12
C THR B 25 -25.72 -14.80 -0.14
N GLN B 26 -24.43 -14.93 0.14
CA GLN B 26 -23.51 -13.78 0.14
C GLN B 26 -23.36 -13.16 -1.24
N GLU B 27 -23.49 -13.98 -2.28
CA GLU B 27 -23.36 -13.53 -3.66
C GLU B 27 -24.25 -14.37 -4.55
N ASP B 28 -24.63 -13.81 -5.69
CA ASP B 28 -25.53 -14.48 -6.62
C ASP B 28 -24.69 -15.36 -7.55
N TRP B 29 -24.27 -16.50 -7.00
CA TRP B 29 -23.24 -17.34 -7.61
C TRP B 29 -23.56 -17.82 -9.03
N ILE B 30 -24.81 -18.20 -9.29
CA ILE B 30 -25.20 -18.75 -10.60
C ILE B 30 -24.87 -17.76 -11.74
N THR B 31 -25.03 -16.47 -11.45
CA THR B 31 -24.74 -15.39 -12.40
C THR B 31 -23.28 -15.32 -12.83
N GLN B 32 -22.37 -15.69 -11.94
CA GLN B 32 -20.94 -15.48 -12.16
C GLN B 32 -20.31 -16.57 -13.03
N VAL B 33 -19.20 -16.22 -13.68
CA VAL B 33 -18.42 -17.18 -14.46
C VAL B 33 -17.69 -18.09 -13.47
N HIS B 34 -17.86 -19.39 -13.65
CA HIS B 34 -17.35 -20.39 -12.70
C HIS B 34 -17.94 -20.13 -11.31
N GLY B 35 -19.26 -19.93 -11.30
CA GLY B 35 -19.99 -19.55 -10.09
C GLY B 35 -19.78 -20.47 -8.91
N HIS B 36 -19.76 -21.78 -9.19
CA HIS B 36 -19.58 -22.78 -8.16
C HIS B 36 -18.15 -22.80 -7.61
N VAL B 37 -17.16 -22.62 -8.49
CA VAL B 37 -15.75 -22.53 -8.06
C VAL B 37 -15.47 -21.23 -7.31
N ARG B 38 -16.07 -20.14 -7.76
CA ARG B 38 -15.95 -18.85 -7.07
C ARG B 38 -16.46 -18.96 -5.64
N ARG B 39 -17.58 -19.65 -5.46
CA ARG B 39 -18.17 -19.89 -4.15
C ARG B 39 -17.21 -20.65 -3.25
N VAL B 40 -16.59 -21.69 -3.82
CA VAL B 40 -15.63 -22.54 -3.15
C VAL B 40 -14.37 -21.77 -2.76
N VAL B 41 -13.86 -20.96 -3.68
CA VAL B 41 -12.71 -20.09 -3.40
C VAL B 41 -13.00 -19.15 -2.24
N GLU B 42 -14.13 -18.46 -2.32
CA GLU B 42 -14.51 -17.54 -1.27
C GLU B 42 -14.69 -18.28 0.06
N CYS B 43 -15.08 -19.55 -0.01
CA CYS B 43 -15.15 -20.40 1.18
C CYS B 43 -13.77 -20.71 1.77
N TRP B 44 -12.74 -20.78 0.92
CA TRP B 44 -11.36 -20.97 1.41
C TRP B 44 -10.91 -19.76 2.18
N LYS B 45 -11.24 -18.58 1.66
CA LYS B 45 -10.85 -17.33 2.29
C LYS B 45 -11.54 -17.15 3.63
N TYR B 46 -12.81 -17.49 3.70
CA TYR B 46 -13.55 -17.36 4.96
C TYR B 46 -13.03 -18.37 5.97
N THR B 47 -12.73 -19.57 5.50
CA THR B 47 -12.15 -20.61 6.33
C THR B 47 -10.84 -20.13 6.94
N ILE B 48 -9.99 -19.53 6.11
CA ILE B 48 -8.72 -18.96 6.58
C ILE B 48 -8.99 -17.87 7.62
N CYS B 49 -9.96 -17.00 7.35
CA CYS B 49 -10.38 -16.00 8.34
C CYS B 49 -10.75 -16.64 9.67
N CYS B 50 -11.44 -17.78 9.63
CA CYS B 50 -11.83 -18.49 10.86
C CYS B 50 -10.64 -19.09 11.61
N LEU B 51 -9.67 -19.63 10.87
CA LEU B 51 -8.47 -20.22 11.49
C LEU B 51 -7.57 -19.17 12.14
N ILE B 52 -7.43 -18.02 11.49
CA ILE B 52 -6.63 -16.92 12.04
C ILE B 52 -7.26 -16.33 13.29
N SER B 53 -8.58 -16.24 13.30
CA SER B 53 -9.31 -15.66 14.42
C SER B 53 -9.50 -16.62 15.59
N ASN B 54 -9.08 -17.88 15.45
CA ASN B 54 -9.03 -18.82 16.57
C ASN B 54 -7.79 -18.53 17.41
N HIS B 56 -6.50 -15.88 20.91
CA HIS B 56 -6.79 -14.92 21.98
C HIS B 56 -5.57 -14.05 22.25
N THR B 57 -5.66 -13.19 23.26
CA THR B 57 -4.51 -12.41 23.72
C THR B 57 -3.88 -13.09 24.92
N GLY B 60 -7.44 -12.01 28.05
CA GLY B 60 -7.66 -13.19 27.20
C GLY B 60 -8.89 -13.07 26.32
N ALA B 61 -8.81 -12.19 25.33
CA ALA B 61 -9.95 -11.90 24.44
C ALA B 61 -9.58 -12.17 22.98
N PRO B 62 -10.59 -12.40 22.12
CA PRO B 62 -10.28 -12.71 20.71
C PRO B 62 -9.49 -11.58 20.06
N GLN B 63 -8.33 -11.93 19.48
CA GLN B 63 -7.48 -10.93 18.84
C GLN B 63 -8.14 -10.27 17.65
N TYR B 64 -8.90 -11.06 16.90
CA TYR B 64 -9.48 -10.60 15.64
C TYR B 64 -11.00 -10.58 15.63
N ASP B 65 -11.54 -9.66 14.84
CA ASP B 65 -12.95 -9.64 14.46
C ASP B 65 -13.03 -10.04 12.99
N VAL B 66 -13.90 -10.99 12.66
CA VAL B 66 -14.09 -11.35 11.25
C VAL B 66 -15.20 -10.49 10.66
N PHE B 67 -14.84 -9.66 9.67
CA PHE B 67 -15.78 -8.79 8.98
C PHE B 67 -16.38 -9.43 7.73
N LYS B 68 -15.61 -10.30 7.08
CA LYS B 68 -16.09 -11.01 5.92
C LYS B 68 -17.35 -11.83 6.23
N TRP B 69 -18.42 -11.54 5.49
CA TRP B 69 -19.71 -12.25 5.62
C TRP B 69 -20.44 -12.04 6.94
N GLN B 70 -20.33 -10.84 7.51
CA GLN B 70 -21.09 -10.48 8.70
C GLN B 70 -22.42 -9.81 8.31
N ASP B 71 -23.41 -9.89 9.21
CA ASP B 71 -24.67 -9.16 9.04
C ASP B 71 -24.43 -7.65 8.86
N ARG B 89 -19.38 -0.41 1.84
CA ARG B 89 -19.18 -1.65 1.10
C ARG B 89 -17.72 -2.08 1.09
N ASP B 90 -16.81 -1.12 1.02
CA ASP B 90 -15.38 -1.38 1.02
C ASP B 90 -14.93 -1.76 2.44
N THR B 91 -14.84 -3.06 2.70
CA THR B 91 -14.67 -3.59 4.05
C THR B 91 -13.56 -4.64 4.10
N PRO B 92 -12.73 -4.63 5.15
CA PRO B 92 -11.70 -5.64 5.26
C PRO B 92 -12.29 -6.99 5.66
N ASP B 93 -11.47 -8.03 5.59
CA ASP B 93 -11.91 -9.38 5.94
C ASP B 93 -11.78 -9.61 7.45
N LEU B 94 -10.73 -9.08 8.07
CA LEU B 94 -10.63 -9.11 9.53
C LEU B 94 -9.83 -7.94 10.12
N TYR B 95 -9.89 -7.82 11.44
CA TYR B 95 -9.42 -6.63 12.13
C TYR B 95 -8.78 -7.00 13.45
N ASP B 96 -7.52 -6.63 13.64
CA ASP B 96 -6.83 -6.85 14.91
C ASP B 96 -7.34 -5.84 15.93
N ASN B 97 -7.88 -6.35 17.03
CA ASN B 97 -8.42 -5.54 18.11
C ASN B 97 -7.34 -4.89 18.98
N GLU B 98 -6.28 -5.63 19.28
CA GLU B 98 -5.16 -5.10 20.07
C GLU B 98 -4.55 -3.89 19.38
N ARG B 99 -3.99 -4.12 18.20
CA ARG B 99 -3.17 -3.12 17.51
C ARG B 99 -3.95 -2.25 16.51
N ALA B 100 -5.25 -2.47 16.40
CA ALA B 100 -6.13 -1.63 15.55
C ALA B 100 -5.83 -1.69 14.04
N VAL B 101 -5.40 -2.86 13.56
CA VAL B 101 -5.00 -3.06 12.17
C VAL B 101 -6.04 -3.87 11.40
N ALA B 102 -6.21 -3.54 10.12
CA ALA B 102 -7.13 -4.28 9.24
C ALA B 102 -6.36 -5.11 8.22
N TYR B 103 -6.91 -6.28 7.89
CA TYR B 103 -6.31 -7.19 6.93
C TYR B 103 -7.30 -7.69 5.89
N LYS B 104 -6.74 -8.17 4.79
CA LYS B 104 -7.49 -8.74 3.67
C LYS B 104 -6.81 -10.06 3.29
N VAL B 105 -7.58 -11.12 3.13
CA VAL B 105 -7.05 -12.44 2.81
C VAL B 105 -7.00 -12.64 1.29
N LEU B 106 -5.81 -12.88 0.77
CA LEU B 106 -5.60 -13.10 -0.66
C LEU B 106 -5.10 -14.51 -0.99
N LEU B 107 -5.37 -14.93 -2.23
CA LEU B 107 -4.79 -16.14 -2.80
C LEU B 107 -4.16 -15.77 -4.12
N VAL B 108 -2.87 -16.07 -4.27
CA VAL B 108 -2.09 -15.65 -5.41
C VAL B 108 -1.41 -16.88 -6.03
N SER B 109 -0.92 -16.75 -7.25
CA SER B 109 -0.19 -17.83 -7.91
C SER B 109 1.33 -17.75 -7.70
N ASP B 110 1.85 -16.53 -7.57
CA ASP B 110 3.27 -16.31 -7.26
C ASP B 110 3.44 -15.33 -6.08
N LEU B 111 4.30 -15.69 -5.14
CA LEU B 111 4.56 -14.86 -3.96
C LEU B 111 5.61 -13.78 -4.22
N SER B 112 6.73 -14.17 -4.82
CA SER B 112 7.83 -13.23 -5.08
C SER B 112 7.31 -11.98 -5.78
N ASP B 113 6.61 -12.19 -6.89
CA ASP B 113 5.91 -11.11 -7.60
C ASP B 113 4.62 -10.73 -6.85
N HIS B 114 4.76 -9.92 -5.82
CA HIS B 114 3.62 -9.44 -5.04
C HIS B 114 3.86 -8.05 -4.47
N SER B 115 3.29 -7.05 -5.13
CA SER B 115 3.19 -5.71 -4.57
C SER B 115 1.88 -5.65 -3.81
N PRO B 116 1.87 -4.96 -2.65
CA PRO B 116 0.63 -4.89 -1.83
C PRO B 116 -0.53 -4.18 -2.53
N THR B 117 -1.73 -4.74 -2.38
CA THR B 117 -2.95 -4.17 -2.95
C THR B 117 -3.43 -2.90 -2.23
N SER B 118 -3.10 -2.77 -0.94
CA SER B 118 -3.51 -1.61 -0.15
C SER B 118 -2.51 -1.28 0.96
N GLY B 119 -2.46 -0.01 1.34
CA GLY B 119 -1.62 0.46 2.43
C GLY B 119 -2.35 0.49 3.77
N ILE B 120 -3.66 0.24 3.74
CA ILE B 120 -4.50 0.26 4.93
C ILE B 120 -4.98 -1.15 5.26
N TYR B 121 -5.64 -1.78 4.29
CA TYR B 121 -6.05 -3.18 4.39
C TYR B 121 -4.87 -4.04 3.99
N HIS B 122 -4.09 -4.46 4.98
CA HIS B 122 -2.83 -5.15 4.72
C HIS B 122 -3.11 -6.57 4.23
N ASP B 123 -2.36 -7.01 3.24
CA ASP B 123 -2.57 -8.33 2.65
C ASP B 123 -2.07 -9.45 3.53
N LEU B 124 -2.86 -10.52 3.62
CA LEU B 124 -2.37 -11.81 4.11
C LEU B 124 -2.46 -12.76 2.92
N ALA B 125 -1.36 -12.84 2.17
CA ALA B 125 -1.30 -13.56 0.91
C ALA B 125 -0.75 -14.98 1.08
N PHE B 126 -1.34 -15.92 0.34
CA PHE B 126 -1.01 -17.33 0.44
C PHE B 126 -0.89 -17.98 -0.94
N ASN B 127 0.05 -18.90 -1.08
CA ASN B 127 0.14 -19.80 -2.24
C ASN B 127 -1.03 -20.77 -2.28
N LEU B 128 -1.25 -21.38 -3.44
CA LEU B 128 -2.14 -22.54 -3.53
C LEU B 128 -1.53 -23.77 -2.84
N GLU B 129 -0.20 -23.79 -2.75
CA GLU B 129 0.52 -24.75 -1.93
C GLU B 129 0.22 -24.55 -0.46
N GLY B 130 -0.09 -23.30 -0.08
CA GLY B 130 -0.36 -22.95 1.32
C GLY B 130 0.75 -22.13 1.96
N GLU B 131 1.82 -21.88 1.21
CA GLU B 131 2.91 -21.03 1.69
C GLU B 131 2.47 -19.56 1.76
N ALA B 132 2.61 -18.95 2.92
CA ALA B 132 2.29 -17.54 3.10
C ALA B 132 3.42 -16.62 2.62
N GLU B 133 3.06 -15.38 2.33
CA GLU B 133 4.01 -14.35 1.90
C GLU B 133 4.81 -13.84 3.09
N GLU B 134 5.99 -13.29 2.83
CA GLU B 134 6.90 -12.83 3.88
C GLU B 134 6.23 -11.94 4.94
N SER B 135 5.50 -10.91 4.50
CA SER B 135 4.73 -10.04 5.41
C SER B 135 3.69 -10.83 6.18
N CYS B 136 3.02 -11.73 5.46
CA CYS B 136 1.98 -12.59 6.02
C CYS B 136 2.53 -13.53 7.09
N ALA B 137 3.74 -14.02 6.88
CA ALA B 137 4.38 -14.92 7.81
C ALA B 137 4.68 -14.25 9.16
N LEU B 138 5.09 -12.98 9.13
CA LEU B 138 5.40 -12.24 10.35
C LEU B 138 4.20 -12.07 11.27
N VAL B 139 3.03 -11.78 10.68
CA VAL B 139 1.80 -11.55 11.43
C VAL B 139 1.30 -12.81 12.13
N LEU B 140 1.30 -13.93 11.40
CA LEU B 140 0.70 -15.14 11.87
C LEU B 140 1.66 -15.91 12.74
N ARG B 141 1.10 -16.72 13.63
CA ARG B 141 1.88 -17.65 14.42
C ARG B 141 1.99 -18.97 13.67
N GLY B 142 2.94 -19.79 14.06
CA GLY B 142 3.20 -21.06 13.40
C GLY B 142 1.97 -21.94 13.37
N SER B 143 1.21 -21.90 14.46
CA SER B 143 0.04 -22.75 14.62
C SER B 143 -1.01 -22.44 13.56
N GLN B 144 -1.27 -21.16 13.36
CA GLN B 144 -2.23 -20.71 12.36
C GLN B 144 -1.75 -21.12 10.97
N LEU B 145 -0.44 -21.03 10.75
CA LEU B 145 0.15 -21.30 9.44
C LEU B 145 0.11 -22.78 9.07
N GLN B 146 0.18 -23.65 10.08
CA GLN B 146 0.08 -25.09 9.83
C GLN B 146 -1.35 -25.52 9.55
N ASP B 147 -2.31 -24.90 10.23
CA ASP B 147 -3.75 -25.15 9.97
C ASP B 147 -4.13 -24.79 8.55
N ILE B 148 -3.58 -23.68 8.07
CA ILE B 148 -3.90 -23.18 6.73
C ILE B 148 -3.28 -24.07 5.66
N LYS B 149 -2.03 -24.47 5.84
CA LYS B 149 -1.34 -25.30 4.86
C LYS B 149 -2.00 -26.68 4.73
N GLY B 150 -2.46 -27.24 5.85
CA GLY B 150 -3.18 -28.50 5.84
C GLY B 150 -4.50 -28.36 5.10
N PHE B 151 -5.19 -27.25 5.37
CA PHE B 151 -6.48 -26.97 4.77
C PHE B 151 -6.38 -26.72 3.27
N LEU B 152 -5.36 -26.00 2.83
CA LEU B 152 -5.18 -25.69 1.40
C LEU B 152 -4.55 -26.84 0.62
N CYS B 153 -4.04 -27.86 1.33
CA CYS B 153 -3.57 -29.07 0.70
C CYS B 153 -4.80 -29.94 0.36
N ARG B 154 -5.75 -30.01 1.28
CA ARG B 154 -7.04 -30.66 1.03
C ARG B 154 -7.83 -29.93 -0.06
N ALA B 155 -7.59 -28.63 -0.21
CA ALA B 155 -8.21 -27.85 -1.27
C ALA B 155 -7.67 -28.22 -2.66
N LEU B 156 -6.34 -28.34 -2.78
CA LEU B 156 -5.72 -28.70 -4.05
C LEU B 156 -6.04 -30.12 -4.49
N GLU B 157 -5.98 -31.05 -3.54
CA GLU B 157 -6.30 -32.45 -3.83
C GLU B 157 -7.64 -32.51 -4.55
N TRP B 158 -8.62 -31.80 -4.00
CA TRP B 158 -9.94 -31.70 -4.61
C TRP B 158 -9.92 -31.02 -5.98
N VAL B 159 -9.20 -29.90 -6.07
CA VAL B 159 -9.04 -29.20 -7.35
C VAL B 159 -8.44 -30.15 -8.42
N VAL B 160 -7.49 -30.99 -8.00
CA VAL B 160 -6.87 -31.93 -8.93
C VAL B 160 -7.81 -33.10 -9.21
N SER B 161 -8.43 -33.65 -8.16
CA SER B 161 -9.38 -34.75 -8.29
C SER B 161 -10.52 -34.46 -9.26
N ASN B 162 -11.02 -33.22 -9.26
CA ASN B 162 -12.12 -32.82 -10.13
C ASN B 162 -11.65 -32.06 -11.39
N ASN B 163 -10.34 -31.92 -11.54
CA ASN B 163 -9.74 -31.30 -12.72
C ASN B 163 -10.23 -29.86 -12.94
N LEU B 164 -9.98 -28.99 -11.96
CA LEU B 164 -10.46 -27.60 -11.99
C LEU B 164 -9.35 -26.56 -11.81
N THR B 165 -8.13 -26.91 -12.19
CA THR B 165 -6.98 -26.02 -11.98
C THR B 165 -7.10 -24.68 -12.71
N GLN B 166 -7.38 -24.70 -14.01
CA GLN B 166 -7.49 -23.45 -14.77
C GLN B 166 -8.63 -22.58 -14.24
N GLU B 167 -9.75 -23.20 -13.92
CA GLU B 167 -10.90 -22.47 -13.38
C GLU B 167 -10.48 -21.67 -12.14
N VAL B 168 -9.71 -22.33 -11.26
CA VAL B 168 -9.17 -21.72 -10.03
C VAL B 168 -8.17 -20.62 -10.37
N VAL B 169 -7.16 -20.96 -11.16
CA VAL B 169 -6.16 -19.99 -11.60
C VAL B 169 -6.80 -18.80 -12.35
N GLU B 170 -7.85 -19.06 -13.13
CA GLU B 170 -8.59 -17.97 -13.79
C GLU B 170 -9.27 -17.09 -12.77
N THR B 171 -9.93 -17.73 -11.80
CA THR B 171 -10.66 -17.04 -10.75
C THR B 171 -9.75 -16.22 -9.82
N ILE B 172 -8.56 -16.73 -9.55
CA ILE B 172 -7.60 -16.07 -8.67
C ILE B 172 -7.04 -14.75 -9.25
N SER B 173 -6.74 -14.73 -10.54
CA SER B 173 -6.14 -13.54 -11.17
C SER B 173 -7.16 -12.43 -11.41
N GLY B 174 -7.15 -11.40 -10.72
N ASP C 10 34.47 -32.12 3.90
CA ASP C 10 33.86 -33.01 4.92
C ASP C 10 32.47 -32.54 5.38
N ARG C 11 32.29 -31.23 5.50
CA ARG C 11 31.00 -30.68 5.92
C ARG C 11 30.00 -30.74 4.78
N PRO C 12 28.71 -31.03 5.10
CA PRO C 12 27.70 -30.92 4.06
C PRO C 12 27.54 -29.47 3.66
N ASP C 13 27.21 -29.23 2.39
CA ASP C 13 27.15 -27.89 1.85
C ASP C 13 26.06 -27.04 2.51
N HIS C 14 24.95 -27.67 2.89
CA HIS C 14 23.85 -26.96 3.55
C HIS C 14 24.19 -26.45 4.96
N ILE C 15 25.28 -26.92 5.56
CA ILE C 15 25.75 -26.34 6.82
C ILE C 15 26.71 -25.18 6.52
N ASP C 16 26.47 -24.04 7.16
CA ASP C 16 27.33 -22.88 7.03
C ASP C 16 28.75 -23.20 7.52
N SER C 17 29.74 -22.50 6.96
CA SER C 17 31.14 -22.69 7.34
C SER C 17 31.37 -22.49 8.83
N ARG C 18 30.93 -21.35 9.34
CA ARG C 18 31.17 -20.97 10.72
C ARG C 18 30.50 -21.89 11.76
N VAL C 19 29.36 -22.48 11.39
CA VAL C 19 28.64 -23.37 12.30
C VAL C 19 29.37 -24.71 12.41
N TRP C 20 29.98 -25.13 11.31
CA TRP C 20 30.76 -26.35 11.25
C TRP C 20 32.04 -26.18 12.07
N GLU C 21 32.76 -25.09 11.81
CA GLU C 21 33.97 -24.76 12.56
C GLU C 21 33.71 -24.64 14.06
N LEU C 22 32.50 -24.21 14.42
CA LEU C 22 32.15 -24.06 15.83
C LEU C 22 31.87 -25.42 16.48
N SER C 23 31.28 -26.33 15.72
CA SER C 23 30.91 -27.63 16.24
C SER C 23 32.11 -28.49 16.62
N GLU C 24 33.23 -28.30 15.92
CA GLU C 24 34.44 -29.11 16.13
C GLU C 24 34.72 -29.55 17.57
N THR C 25 34.86 -28.57 18.46
CA THR C 25 35.37 -28.80 19.80
C THR C 25 34.28 -29.02 20.85
N GLN C 26 33.01 -28.96 20.45
CA GLN C 26 31.90 -29.02 21.39
C GLN C 26 31.67 -30.44 21.92
N GLU C 27 32.11 -31.43 21.16
CA GLU C 27 31.94 -32.81 21.56
C GLU C 27 33.04 -33.69 20.98
N ASP C 28 33.33 -34.79 21.68
CA ASP C 28 34.39 -35.72 21.29
C ASP C 28 33.88 -36.67 20.21
N TRP C 29 33.67 -36.13 19.03
CA TRP C 29 32.88 -36.79 17.99
C TRP C 29 33.39 -38.18 17.61
N ILE C 30 34.71 -38.37 17.57
CA ILE C 30 35.28 -39.64 17.10
C ILE C 30 34.90 -40.78 18.05
N THR C 31 34.75 -40.46 19.32
CA THR C 31 34.34 -41.42 20.35
C THR C 31 32.94 -42.01 20.12
N GLN C 32 32.03 -41.24 19.54
CA GLN C 32 30.62 -41.63 19.42
C GLN C 32 30.36 -42.47 18.17
N VAL C 33 29.36 -43.36 18.25
CA VAL C 33 28.93 -44.16 17.10
C VAL C 33 28.13 -43.26 16.16
N HIS C 34 28.46 -43.32 14.87
CA HIS C 34 27.93 -42.36 13.90
C HIS C 34 28.20 -40.94 14.41
N GLY C 35 29.47 -40.68 14.69
CA GLY C 35 29.91 -39.40 15.22
C GLY C 35 29.77 -38.27 14.22
N HIS C 36 30.00 -38.57 12.94
CA HIS C 36 29.81 -37.57 11.88
C HIS C 36 28.33 -37.16 11.76
N VAL C 37 27.43 -38.13 11.90
CA VAL C 37 25.99 -37.85 11.82
C VAL C 37 25.47 -37.06 13.03
N ARG C 38 25.94 -37.40 14.23
CA ARG C 38 25.51 -36.68 15.43
C ARG C 38 25.93 -35.23 15.36
N ARG C 39 27.10 -34.97 14.80
CA ARG C 39 27.61 -33.62 14.64
C ARG C 39 26.70 -32.80 13.73
N VAL C 40 26.37 -33.35 12.57
CA VAL C 40 25.50 -32.67 11.60
C VAL C 40 24.11 -32.42 12.22
N VAL C 41 23.60 -33.38 12.99
CA VAL C 41 22.33 -33.21 13.69
C VAL C 41 22.40 -32.09 14.73
N GLU C 42 23.53 -32.02 15.44
CA GLU C 42 23.73 -30.94 16.39
C GLU C 42 23.83 -29.60 15.66
N CYS C 43 24.44 -29.61 14.48
CA CYS C 43 24.52 -28.39 13.66
C CYS C 43 23.15 -27.94 13.19
N TRP C 44 22.26 -28.88 12.86
CA TRP C 44 20.87 -28.53 12.52
C TRP C 44 20.21 -27.80 13.68
N LYS C 45 20.33 -28.35 14.89
CA LYS C 45 19.75 -27.75 16.08
C LYS C 45 20.30 -26.36 16.35
N TYR C 46 21.60 -26.20 16.14
CA TYR C 46 22.22 -24.88 16.30
C TYR C 46 21.73 -23.92 15.24
N THR C 47 21.73 -24.37 13.98
CA THR C 47 21.28 -23.54 12.88
C THR C 47 19.87 -23.05 13.17
N ILE C 48 19.01 -23.97 13.60
CA ILE C 48 17.65 -23.62 14.01
C ILE C 48 17.61 -22.54 15.09
N CYS C 49 18.48 -22.64 16.10
CA CYS C 49 18.63 -21.57 17.09
C CYS C 49 18.93 -20.24 16.39
N CYS C 50 19.88 -20.27 15.46
CA CYS C 50 20.20 -19.05 14.73
C CYS C 50 19.01 -18.52 13.93
N LEU C 51 18.24 -19.42 13.32
CA LEU C 51 17.07 -19.03 12.54
C LEU C 51 15.98 -18.40 13.41
N ILE C 52 15.74 -18.97 14.59
CA ILE C 52 14.73 -18.46 15.52
C ILE C 52 15.11 -17.10 16.11
N SER C 53 16.40 -16.88 16.38
CA SER C 53 16.84 -15.67 17.08
C SER C 53 16.95 -14.41 16.20
N ASN C 54 16.67 -14.50 14.90
CA ASN C 54 16.65 -13.30 14.05
C ASN C 54 15.45 -12.37 14.28
N HIS C 56 13.30 -9.67 16.47
CA HIS C 56 13.57 -8.56 17.39
C HIS C 56 12.24 -8.10 17.98
N THR C 57 12.29 -7.03 18.76
CA THR C 57 11.06 -6.38 19.26
C THR C 57 10.71 -5.18 18.35
N GLY C 60 13.97 -2.19 19.51
CA GLY C 60 14.12 -3.32 18.62
C GLY C 60 15.24 -4.27 19.01
N ALA C 61 15.31 -4.61 20.30
CA ALA C 61 16.33 -5.53 20.80
C ALA C 61 16.04 -6.96 20.32
N PRO C 62 17.06 -7.86 20.39
CA PRO C 62 16.86 -9.27 20.07
C PRO C 62 15.87 -9.94 21.01
N GLN C 63 14.99 -10.78 20.46
CA GLN C 63 14.00 -11.46 21.27
C GLN C 63 14.58 -12.65 22.03
N TYR C 64 15.55 -13.33 21.43
CA TYR C 64 16.15 -14.50 22.02
C TYR C 64 17.65 -14.32 22.23
N ASP C 65 18.17 -14.94 23.28
CA ASP C 65 19.60 -15.19 23.44
C ASP C 65 19.85 -16.68 23.20
N VAL C 66 20.94 -17.01 22.51
CA VAL C 66 21.27 -18.41 22.24
C VAL C 66 22.40 -18.89 23.13
N PHE C 67 22.11 -19.86 24.00
CA PHE C 67 23.12 -20.40 24.90
C PHE C 67 23.91 -21.53 24.28
N LYS C 68 23.38 -22.15 23.23
CA LYS C 68 24.02 -23.31 22.65
C LYS C 68 25.39 -22.95 22.09
N TRP C 69 26.40 -23.71 22.52
CA TRP C 69 27.80 -23.58 22.09
C TRP C 69 28.48 -22.25 22.39
N GLN C 70 28.09 -21.58 23.48
CA GLN C 70 28.74 -20.35 23.90
C GLN C 70 29.73 -20.63 25.02
N ASP C 71 30.70 -19.73 25.18
CA ASP C 71 31.65 -19.82 26.27
C ASP C 71 30.86 -19.94 27.56
N ARG C 72 31.30 -20.83 28.44
CA ARG C 72 30.60 -21.07 29.69
C ARG C 72 30.56 -19.80 30.56
N SER C 73 31.62 -19.00 30.48
CA SER C 73 31.71 -17.78 31.28
C SER C 73 30.68 -16.75 30.85
N THR C 74 30.42 -16.64 29.54
CA THR C 74 29.39 -15.70 29.06
C THR C 74 27.97 -16.13 29.46
N ILE C 75 27.72 -17.44 29.47
CA ILE C 75 26.41 -17.97 29.89
C ILE C 75 26.11 -17.62 31.35
N GLU C 76 27.11 -17.75 32.21
CA GLU C 76 26.91 -17.46 33.64
C GLU C 76 26.71 -15.97 33.92
N TRP C 77 27.26 -15.10 33.08
CA TRP C 77 27.18 -13.66 33.29
C TRP C 77 25.76 -13.12 33.11
N ILE C 78 25.13 -13.43 31.98
CA ILE C 78 23.72 -13.05 31.75
C ILE C 78 22.76 -13.78 32.66
N CYS C 79 23.06 -15.03 32.99
CA CYS C 79 22.20 -15.79 33.89
C CYS C 79 22.16 -15.10 35.25
N SER C 80 23.30 -14.58 35.71
CA SER C 80 23.34 -13.73 36.91
C SER C 80 22.48 -12.48 36.75
N LYS C 81 22.66 -11.81 35.61
CA LYS C 81 21.96 -10.57 35.34
C LYS C 81 20.45 -10.74 35.14
N LYS C 82 20.00 -11.96 34.87
CA LYS C 82 18.58 -12.23 34.62
C LYS C 82 17.86 -12.94 35.76
N LYS C 83 18.54 -13.20 36.87
CA LYS C 83 17.99 -13.95 38.01
C LYS C 83 17.53 -15.33 37.56
N VAL C 84 18.42 -16.06 36.91
CA VAL C 84 18.10 -17.36 36.34
C VAL C 84 19.31 -18.28 36.45
N GLN C 85 19.07 -19.58 36.56
CA GLN C 85 20.14 -20.57 36.71
C GLN C 85 19.74 -21.96 36.23
N TYR C 86 20.70 -22.63 35.59
CA TYR C 86 20.47 -23.94 35.01
C TYR C 86 21.70 -24.79 35.26
N PRO C 87 21.52 -26.11 35.35
CA PRO C 87 22.66 -27.01 35.53
C PRO C 87 23.47 -27.14 34.24
N GLU C 88 24.74 -27.50 34.38
CA GLU C 88 25.66 -27.53 33.25
C GLU C 88 25.42 -28.75 32.35
N ARG C 89 24.80 -29.79 32.89
CA ARG C 89 24.29 -30.91 32.08
C ARG C 89 23.17 -30.44 31.17
N ASP C 90 22.11 -29.91 31.78
CA ASP C 90 20.91 -29.49 31.06
C ASP C 90 20.78 -27.97 30.98
N THR C 91 21.58 -27.37 30.11
CA THR C 91 21.44 -25.94 29.83
C THR C 91 20.47 -25.82 28.65
N PRO C 92 19.63 -24.79 28.65
CA PRO C 92 18.72 -24.60 27.52
C PRO C 92 19.45 -24.08 26.29
N ASP C 93 18.85 -24.24 25.13
CA ASP C 93 19.50 -23.85 23.89
C ASP C 93 19.31 -22.37 23.63
N LEU C 94 18.09 -21.88 23.86
CA LEU C 94 17.82 -20.44 23.80
C LEU C 94 16.85 -19.98 24.87
N TYR C 95 16.80 -18.67 25.06
CA TYR C 95 16.03 -18.04 26.12
C TYR C 95 15.27 -16.88 25.50
N ASP C 96 14.01 -16.71 25.88
CA ASP C 96 13.19 -15.64 25.35
C ASP C 96 13.26 -14.44 26.30
N ASN C 97 13.84 -13.36 25.82
CA ASN C 97 13.99 -12.13 26.62
C ASN C 97 12.66 -11.43 26.91
N GLU C 98 11.65 -11.71 26.10
CA GLU C 98 10.34 -11.08 26.18
C GLU C 98 9.43 -11.74 27.22
N ARG C 99 9.46 -13.07 27.28
CA ARG C 99 8.59 -13.85 28.15
C ARG C 99 9.31 -14.47 29.34
N ALA C 100 10.64 -14.38 29.36
CA ALA C 100 11.46 -15.04 30.38
C ALA C 100 11.26 -16.58 30.38
N VAL C 101 11.33 -17.17 29.20
CA VAL C 101 11.09 -18.60 29.02
C VAL C 101 12.30 -19.25 28.34
N ALA C 102 12.78 -20.35 28.91
CA ALA C 102 13.91 -21.08 28.35
C ALA C 102 13.45 -22.26 27.50
N TYR C 103 14.15 -22.49 26.40
CA TYR C 103 13.80 -23.53 25.44
C TYR C 103 15.00 -24.37 25.03
N LYS C 104 14.71 -25.62 24.68
CA LYS C 104 15.66 -26.55 24.11
C LYS C 104 15.08 -26.98 22.77
N VAL C 105 15.91 -27.08 21.73
CA VAL C 105 15.45 -27.54 20.43
C VAL C 105 15.61 -29.05 20.32
N LEU C 106 14.54 -29.73 19.90
CA LEU C 106 14.54 -31.19 19.71
C LEU C 106 14.16 -31.58 18.28
N LEU C 107 14.73 -32.69 17.80
CA LEU C 107 14.38 -33.24 16.49
C LEU C 107 13.83 -34.65 16.71
N VAL C 108 12.55 -34.83 16.40
CA VAL C 108 11.84 -36.06 16.78
C VAL C 108 11.26 -36.77 15.54
N SER C 109 10.92 -38.05 15.71
CA SER C 109 10.17 -38.80 14.69
C SER C 109 8.64 -38.66 14.86
N ASP C 110 8.14 -38.91 16.07
CA ASP C 110 6.72 -38.78 16.38
C ASP C 110 6.43 -37.46 17.10
N LEU C 111 5.46 -36.71 16.59
CA LEU C 111 5.10 -35.40 17.15
C LEU C 111 3.83 -35.42 18.00
N SER C 112 2.79 -36.10 17.52
CA SER C 112 1.46 -36.07 18.14
C SER C 112 1.49 -36.41 19.62
N ASP C 113 2.22 -37.47 19.98
CA ASP C 113 2.39 -37.88 21.37
C ASP C 113 3.79 -37.49 21.85
N HIS C 114 3.91 -36.29 22.41
CA HIS C 114 5.20 -35.77 22.87
C HIS C 114 5.10 -35.07 24.22
N SER C 115 5.63 -35.73 25.26
CA SER C 115 5.70 -35.17 26.60
C SER C 115 6.94 -34.29 26.72
N PRO C 116 6.91 -33.29 27.62
CA PRO C 116 8.13 -32.51 27.85
C PRO C 116 9.29 -33.38 28.39
N THR C 117 10.47 -33.21 27.81
CA THR C 117 11.66 -33.99 28.20
C THR C 117 12.32 -33.48 29.47
N SER C 118 11.93 -32.28 29.91
CA SER C 118 12.55 -31.62 31.04
C SER C 118 11.54 -30.80 31.82
N GLY C 119 11.82 -30.62 33.11
CA GLY C 119 11.04 -29.74 33.98
C GLY C 119 11.75 -28.41 34.20
N ILE C 120 12.91 -28.25 33.59
CA ILE C 120 13.72 -27.04 33.73
C ILE C 120 13.50 -26.10 32.54
N TYR C 121 13.31 -26.66 31.36
CA TYR C 121 13.02 -25.88 30.15
C TYR C 121 11.90 -26.51 29.33
N HIS C 122 11.33 -25.72 28.43
CA HIS C 122 10.31 -26.21 27.49
C HIS C 122 11.00 -26.72 26.23
N ASP C 123 10.32 -27.61 25.50
CA ASP C 123 10.85 -28.18 24.27
C ASP C 123 10.32 -27.48 23.02
N LEU C 124 11.21 -27.18 22.09
CA LEU C 124 10.82 -26.80 20.74
C LEU C 124 11.11 -27.96 19.80
N ALA C 125 10.14 -28.86 19.67
CA ALA C 125 10.29 -30.07 18.86
C ALA C 125 9.99 -29.84 17.37
N PHE C 126 10.69 -30.60 16.53
CA PHE C 126 10.50 -30.53 15.08
C PHE C 126 10.56 -31.91 14.41
N ASN C 127 10.02 -32.00 13.21
CA ASN C 127 10.11 -33.19 12.36
C ASN C 127 11.38 -33.12 11.52
N LEU C 128 11.76 -34.23 10.89
CA LEU C 128 12.75 -34.21 9.81
C LEU C 128 12.17 -33.47 8.60
N GLU C 129 10.88 -33.69 8.35
CA GLU C 129 10.15 -32.95 7.33
C GLU C 129 9.97 -31.45 7.63
N GLY C 130 10.19 -31.04 8.88
CA GLY C 130 10.13 -29.63 9.23
C GLY C 130 8.83 -29.14 9.87
N GLU C 131 7.87 -30.03 10.06
CA GLU C 131 6.66 -29.68 10.81
C GLU C 131 7.04 -29.47 12.27
N ALA C 132 6.30 -28.58 12.94
CA ALA C 132 6.53 -28.28 14.35
C ALA C 132 5.42 -28.86 15.21
N GLU C 133 5.73 -29.12 16.48
CA GLU C 133 4.78 -29.73 17.41
C GLU C 133 3.75 -28.69 17.83
N GLU C 134 2.59 -29.14 18.28
CA GLU C 134 1.51 -28.21 18.65
C GLU C 134 1.99 -26.98 19.43
N SER C 135 2.64 -27.23 20.57
CA SER C 135 3.09 -26.16 21.48
C SER C 135 4.18 -25.30 20.86
N CYS C 136 5.15 -25.95 20.24
CA CYS C 136 6.22 -25.28 19.52
C CYS C 136 5.67 -24.25 18.51
N ALA C 137 4.67 -24.67 17.73
CA ALA C 137 4.04 -23.82 16.71
C ALA C 137 3.35 -22.59 17.29
N LEU C 138 2.83 -22.72 18.50
CA LEU C 138 2.21 -21.58 19.19
C LEU C 138 3.27 -20.53 19.58
N VAL C 139 4.42 -20.99 20.04
CA VAL C 139 5.50 -20.11 20.49
C VAL C 139 6.12 -19.29 19.35
N LEU C 140 6.26 -19.93 18.20
CA LEU C 140 6.97 -19.34 17.07
C LEU C 140 6.01 -18.63 16.14
N ARG C 141 6.56 -17.72 15.33
CA ARG C 141 5.80 -17.08 14.27
C ARG C 141 5.96 -17.86 12.98
N GLY C 142 5.07 -17.59 12.02
CA GLY C 142 5.11 -18.25 10.73
C GLY C 142 6.43 -17.99 10.02
N SER C 143 6.89 -16.75 10.14
CA SER C 143 8.18 -16.33 9.60
C SER C 143 9.30 -17.27 10.01
N GLN C 144 9.35 -17.64 11.29
CA GLN C 144 10.38 -18.53 11.81
C GLN C 144 10.21 -19.99 11.35
N LEU C 145 8.98 -20.48 11.27
CA LEU C 145 8.75 -21.85 10.80
C LEU C 145 9.14 -22.02 9.33
N GLN C 146 8.77 -21.06 8.50
CA GLN C 146 9.08 -21.15 7.06
C GLN C 146 10.58 -21.22 6.81
N ASP C 147 11.34 -20.48 7.60
CA ASP C 147 12.81 -20.56 7.53
C ASP C 147 13.34 -21.91 7.95
N ILE C 148 12.71 -22.52 8.95
CA ILE C 148 13.12 -23.81 9.46
C ILE C 148 12.74 -24.93 8.50
N LYS C 149 11.50 -24.91 8.01
CA LYS C 149 11.08 -25.90 7.03
C LYS C 149 12.01 -25.88 5.82
N GLY C 150 12.30 -24.68 5.33
CA GLY C 150 13.19 -24.49 4.19
C GLY C 150 14.59 -25.04 4.41
N PHE C 151 15.12 -24.86 5.62
CA PHE C 151 16.43 -25.38 5.95
C PHE C 151 16.41 -26.90 6.09
N LEU C 152 15.35 -27.42 6.70
CA LEU C 152 15.21 -28.87 6.90
C LEU C 152 14.85 -29.63 5.62
N CYS C 153 14.28 -28.94 4.63
CA CYS C 153 14.15 -29.51 3.30
C CYS C 153 15.53 -29.69 2.71
N ARG C 154 16.35 -28.64 2.79
CA ARG C 154 17.75 -28.72 2.38
C ARG C 154 18.46 -29.88 3.07
N ALA C 155 18.34 -29.92 4.39
CA ALA C 155 18.94 -30.97 5.21
C ALA C 155 18.47 -32.36 4.81
N LEU C 156 17.17 -32.52 4.60
CA LEU C 156 16.57 -33.82 4.27
C LEU C 156 16.99 -34.29 2.87
N GLU C 157 17.27 -33.33 1.98
CA GLU C 157 17.76 -33.63 0.64
C GLU C 157 19.14 -34.30 0.73
N TRP C 158 20.03 -33.71 1.54
CA TRP C 158 21.36 -34.28 1.80
C TRP C 158 21.29 -35.69 2.40
N VAL C 159 20.36 -35.90 3.32
CA VAL C 159 20.20 -37.20 3.99
C VAL C 159 19.83 -38.32 3.00
N VAL C 160 18.84 -38.05 2.16
CA VAL C 160 18.34 -39.05 1.20
C VAL C 160 19.36 -39.31 0.10
N SER C 161 20.06 -38.26 -0.35
CA SER C 161 21.17 -38.40 -1.32
C SER C 161 22.23 -39.39 -0.87
N ASN C 162 22.60 -39.32 0.40
CA ASN C 162 23.66 -40.15 0.96
C ASN C 162 23.14 -41.40 1.67
N ASN C 163 21.83 -41.63 1.60
CA ASN C 163 21.17 -42.74 2.28
C ASN C 163 21.56 -42.87 3.76
N LEU C 164 21.43 -41.78 4.50
CA LEU C 164 21.77 -41.77 5.92
C LEU C 164 20.53 -41.77 6.84
N THR C 165 19.38 -42.17 6.31
CA THR C 165 18.11 -42.04 7.02
C THR C 165 17.97 -42.95 8.24
N GLN C 166 18.49 -44.18 8.14
CA GLN C 166 18.46 -45.10 9.28
C GLN C 166 19.40 -44.66 10.39
N GLU C 167 20.52 -44.05 10.01
CA GLU C 167 21.49 -43.54 11.00
C GLU C 167 21.04 -42.23 11.63
N VAL C 168 20.24 -41.46 10.91
CA VAL C 168 19.66 -40.24 11.44
C VAL C 168 18.51 -40.59 12.38
N VAL C 169 17.63 -41.47 11.92
CA VAL C 169 16.47 -41.90 12.73
C VAL C 169 16.87 -42.65 14.00
N GLU C 170 17.96 -43.41 13.93
CA GLU C 170 18.51 -44.07 15.11
C GLU C 170 18.88 -43.05 16.18
N THR C 171 19.65 -42.05 15.80
CA THR C 171 20.12 -41.05 16.76
C THR C 171 19.06 -39.99 17.07
N ILE C 172 17.94 -40.44 17.63
CA ILE C 172 16.87 -39.56 18.11
C ILE C 172 16.18 -40.25 19.29
N THR D 9 52.75 10.60 18.67
CA THR D 9 51.70 9.73 19.33
C THR D 9 50.83 10.53 20.30
N ASP D 10 50.46 11.74 19.88
CA ASP D 10 49.54 12.59 20.62
C ASP D 10 48.12 12.13 20.29
N ARG D 11 47.15 12.55 21.10
CA ARG D 11 45.75 12.18 20.83
C ARG D 11 45.27 12.89 19.56
N PRO D 12 44.46 12.20 18.74
CA PRO D 12 43.84 12.88 17.59
C PRO D 12 42.77 13.87 18.05
N ASP D 13 42.56 14.93 17.26
CA ASP D 13 41.58 15.95 17.62
C ASP D 13 40.17 15.39 17.75
N HIS D 14 39.83 14.40 16.91
CA HIS D 14 38.49 13.82 16.90
C HIS D 14 38.16 12.91 18.08
N ILE D 15 39.16 12.55 18.90
CA ILE D 15 38.94 11.76 20.11
C ILE D 15 38.79 12.70 21.29
N ASP D 16 37.83 12.39 22.18
CA ASP D 16 37.57 13.23 23.35
C ASP D 16 38.62 12.98 24.44
N SER D 17 39.07 14.07 25.07
CA SER D 17 40.07 14.01 26.14
C SER D 17 39.76 12.97 27.22
N ARG D 18 38.50 12.89 27.63
CA ARG D 18 38.07 11.94 28.67
C ARG D 18 38.29 10.51 28.21
N VAL D 19 37.95 10.25 26.95
CA VAL D 19 38.12 8.92 26.36
C VAL D 19 39.62 8.60 26.31
N TRP D 20 40.38 9.51 25.69
CA TRP D 20 41.83 9.38 25.58
C TRP D 20 42.52 9.22 26.94
N GLU D 21 42.06 9.97 27.93
CA GLU D 21 42.58 9.86 29.28
C GLU D 21 42.31 8.47 29.86
N LEU D 22 41.11 7.97 29.62
CA LEU D 22 40.67 6.68 30.15
C LEU D 22 41.42 5.52 29.49
N SER D 23 41.74 5.68 28.20
CA SER D 23 42.36 4.63 27.40
C SER D 23 43.78 4.23 27.85
N GLU D 24 44.51 5.16 28.47
CA GLU D 24 45.91 4.93 28.84
C GLU D 24 46.20 3.57 29.45
N THR D 25 45.42 3.21 30.47
CA THR D 25 45.77 2.07 31.32
C THR D 25 44.96 0.81 31.03
N GLN D 26 44.16 0.81 29.97
CA GLN D 26 43.29 -0.33 29.70
C GLN D 26 44.06 -1.46 29.04
N GLU D 27 45.05 -1.10 28.22
CA GLU D 27 45.94 -2.05 27.60
C GLU D 27 47.31 -1.42 27.48
N ASP D 28 48.36 -2.25 27.49
CA ASP D 28 49.73 -1.77 27.44
C ASP D 28 50.10 -1.53 25.97
N TRP D 29 49.90 -0.30 25.53
CA TRP D 29 49.93 0.04 24.11
C TRP D 29 51.33 -0.03 23.48
N ILE D 30 52.38 0.30 24.23
CA ILE D 30 53.75 0.25 23.67
C ILE D 30 54.21 -1.20 23.48
N THR D 31 53.63 -2.13 24.21
CA THR D 31 53.85 -3.56 24.01
C THR D 31 53.42 -4.03 22.63
N GLN D 32 52.37 -3.40 22.09
CA GLN D 32 51.69 -3.89 20.90
C GLN D 32 52.22 -3.30 19.59
N VAL D 33 51.97 -4.03 18.50
CA VAL D 33 52.28 -3.59 17.15
C VAL D 33 51.15 -2.69 16.69
N HIS D 34 51.50 -1.54 16.11
CA HIS D 34 50.55 -0.47 15.83
C HIS D 34 49.82 -0.06 17.11
N GLY D 35 50.58 -0.01 18.20
CA GLY D 35 50.04 0.21 19.54
C GLY D 35 49.30 1.53 19.70
N HIS D 36 49.88 2.60 19.15
CA HIS D 36 49.20 3.88 19.16
C HIS D 36 47.92 3.83 18.34
N VAL D 37 47.96 3.10 17.23
CA VAL D 37 46.79 2.97 16.36
C VAL D 37 45.69 2.15 17.04
N ARG D 38 46.06 1.06 17.69
CA ARG D 38 45.09 0.22 18.40
C ARG D 38 44.36 1.01 19.49
N ARG D 39 45.12 1.81 20.22
CA ARG D 39 44.56 2.70 21.22
C ARG D 39 43.43 3.54 20.61
N VAL D 40 43.72 4.15 19.47
CA VAL D 40 42.77 5.00 18.76
C VAL D 40 41.51 4.22 18.35
N VAL D 41 41.70 3.05 17.75
CA VAL D 41 40.56 2.23 17.31
C VAL D 41 39.70 1.83 18.51
N GLU D 42 40.35 1.37 19.57
CA GLU D 42 39.65 1.04 20.81
C GLU D 42 38.91 2.25 21.37
N CYS D 43 39.42 3.46 21.13
CA CYS D 43 38.72 4.68 21.54
C CYS D 43 37.52 5.00 20.66
N TRP D 44 37.53 4.58 19.41
CA TRP D 44 36.33 4.66 18.56
C TRP D 44 35.23 3.77 19.11
N LYS D 45 35.59 2.54 19.49
CA LYS D 45 34.65 1.60 20.07
C LYS D 45 34.05 2.08 21.38
N TYR D 46 34.80 2.85 22.16
CA TYR D 46 34.27 3.42 23.40
C TYR D 46 33.32 4.57 23.10
N THR D 47 33.72 5.44 22.17
CA THR D 47 32.92 6.60 21.78
C THR D 47 31.56 6.19 21.23
N ILE D 48 31.55 5.13 20.42
CA ILE D 48 30.31 4.57 19.89
C ILE D 48 29.43 4.07 21.04
N CYS D 49 30.02 3.35 22.00
CA CYS D 49 29.28 2.94 23.19
C CYS D 49 28.62 4.15 23.87
N CYS D 50 29.39 5.23 24.04
CA CYS D 50 28.86 6.46 24.65
C CYS D 50 27.70 7.06 23.87
N LEU D 51 27.84 7.08 22.54
CA LEU D 51 26.84 7.65 21.65
C LEU D 51 25.55 6.84 21.61
N ILE D 52 25.66 5.53 21.77
CA ILE D 52 24.48 4.67 21.87
C ILE D 52 23.84 4.78 23.26
N SER D 53 24.64 5.05 24.29
CA SER D 53 24.11 5.21 25.65
C SER D 53 23.51 6.60 25.90
N ASN D 54 23.80 7.57 25.04
CA ASN D 54 23.21 8.92 25.14
C ASN D 54 21.88 9.06 24.39
N PRO D 62 18.49 5.76 31.97
CA PRO D 62 19.27 5.37 30.80
C PRO D 62 18.92 3.96 30.33
N GLN D 63 18.68 3.79 29.03
CA GLN D 63 18.47 2.47 28.45
C GLN D 63 19.65 1.55 28.74
N TYR D 64 20.86 2.11 28.65
CA TYR D 64 22.09 1.34 28.62
C TYR D 64 23.06 1.65 29.77
N ASP D 65 23.83 0.64 30.16
CA ASP D 65 25.04 0.82 30.96
C ASP D 65 26.22 0.61 30.03
N VAL D 66 27.27 1.41 30.18
CA VAL D 66 28.51 1.15 29.46
C VAL D 66 29.46 0.35 30.36
N PHE D 67 29.62 -0.93 30.07
CA PHE D 67 30.52 -1.80 30.84
C PHE D 67 31.97 -1.72 30.35
N LYS D 68 32.17 -1.29 29.11
CA LYS D 68 33.51 -1.18 28.56
C LYS D 68 34.32 -0.14 29.31
N TRP D 69 35.53 -0.53 29.71
CA TRP D 69 36.47 0.31 30.46
C TRP D 69 35.97 0.81 31.80
N GLN D 70 35.03 0.08 32.40
CA GLN D 70 34.47 0.49 33.69
C GLN D 70 35.47 0.24 34.81
N ASP D 71 35.20 0.84 35.96
CA ASP D 71 36.07 0.70 37.14
C ASP D 71 35.90 -0.67 37.80
N ARG D 89 36.47 -11.34 33.03
CA ARG D 89 36.98 -10.49 31.96
C ARG D 89 36.16 -10.60 30.67
N ASP D 90 35.40 -11.69 30.52
CA ASP D 90 34.52 -11.87 29.36
C ASP D 90 33.29 -10.98 29.55
N THR D 91 33.46 -9.69 29.29
CA THR D 91 32.49 -8.66 29.62
C THR D 91 31.95 -8.01 28.35
N PRO D 92 30.64 -7.77 28.29
CA PRO D 92 30.11 -7.08 27.13
C PRO D 92 30.49 -5.62 27.16
N ASP D 93 30.31 -4.93 26.04
CA ASP D 93 30.61 -3.51 25.94
C ASP D 93 29.48 -2.65 26.48
N LEU D 94 28.24 -3.12 26.35
CA LEU D 94 27.12 -2.45 27.02
C LEU D 94 25.89 -3.33 27.21
N TYR D 95 25.00 -2.89 28.10
CA TYR D 95 23.91 -3.71 28.60
C TYR D 95 22.62 -2.90 28.66
N ASP D 96 21.57 -3.39 28.01
CA ASP D 96 20.25 -2.77 28.12
C ASP D 96 19.63 -3.22 29.42
N ASN D 97 19.27 -2.25 30.26
CA ASN D 97 18.74 -2.53 31.59
C ASN D 97 17.36 -3.19 31.56
N GLU D 98 16.46 -2.62 30.76
CA GLU D 98 15.10 -3.10 30.67
C GLU D 98 15.05 -4.53 30.12
N ARG D 99 15.47 -4.68 28.86
CA ARG D 99 15.31 -5.94 28.13
C ARG D 99 16.33 -7.00 28.56
N ALA D 100 17.32 -6.59 29.36
CA ALA D 100 18.32 -7.49 29.93
C ALA D 100 19.13 -8.19 28.85
N VAL D 101 19.67 -7.38 27.94
CA VAL D 101 20.42 -7.87 26.79
C VAL D 101 21.80 -7.21 26.74
N ALA D 102 22.79 -7.99 26.32
CA ALA D 102 24.17 -7.51 26.19
C ALA D 102 24.60 -7.34 24.73
N TYR D 103 25.44 -6.35 24.48
CA TYR D 103 25.95 -6.08 23.15
C TYR D 103 27.46 -5.89 23.19
N LYS D 104 28.06 -6.03 22.02
CA LYS D 104 29.48 -5.83 21.82
C LYS D 104 29.60 -5.01 20.54
N VAL D 105 30.50 -4.02 20.54
CA VAL D 105 30.64 -3.12 19.39
C VAL D 105 31.79 -3.59 18.50
N LEU D 106 31.49 -3.93 17.25
CA LEU D 106 32.49 -4.40 16.30
C LEU D 106 32.77 -3.41 15.17
N LEU D 107 33.98 -3.50 14.62
CA LEU D 107 34.40 -2.74 13.45
C LEU D 107 34.89 -3.72 12.40
N VAL D 108 34.41 -3.55 11.18
CA VAL D 108 34.47 -4.62 10.17
C VAL D 108 34.89 -4.04 8.80
N SER D 109 35.40 -4.91 7.93
CA SER D 109 35.72 -4.54 6.55
C SER D 109 34.56 -4.80 5.57
N ASP D 110 33.83 -5.90 5.78
CA ASP D 110 32.63 -6.21 4.99
C ASP D 110 31.46 -6.67 5.88
N LEU D 111 30.33 -5.97 5.76
CA LEU D 111 29.11 -6.32 6.51
C LEU D 111 28.36 -7.49 5.87
N SER D 112 28.60 -7.72 4.58
CA SER D 112 28.02 -8.87 3.87
C SER D 112 28.52 -10.18 4.45
N ASP D 113 29.83 -10.26 4.72
CA ASP D 113 30.39 -11.36 5.49
C ASP D 113 30.31 -11.01 6.97
N HIS D 114 29.13 -11.20 7.56
CA HIS D 114 28.97 -11.10 9.00
C HIS D 114 28.09 -12.19 9.58
N SER D 115 28.73 -13.20 10.13
CA SER D 115 28.09 -14.17 11.00
C SER D 115 28.31 -13.64 12.40
N PRO D 116 27.33 -13.82 13.30
CA PRO D 116 27.46 -13.29 14.66
C PRO D 116 28.60 -13.94 15.46
N THR D 117 29.31 -13.14 16.25
CA THR D 117 30.40 -13.63 17.11
C THR D 117 29.88 -14.45 18.30
N SER D 118 28.77 -13.98 18.88
CA SER D 118 28.20 -14.57 20.09
C SER D 118 26.68 -14.56 20.10
N GLY D 119 26.10 -15.63 20.65
CA GLY D 119 24.66 -15.74 20.81
C GLY D 119 24.11 -14.97 22.00
N ILE D 120 24.97 -14.56 22.92
CA ILE D 120 24.56 -13.86 24.13
C ILE D 120 24.90 -12.38 24.07
N TYR D 121 26.16 -12.09 23.75
CA TYR D 121 26.60 -10.72 23.49
C TYR D 121 26.36 -10.43 22.01
N HIS D 122 25.27 -9.74 21.71
CA HIS D 122 24.88 -9.51 20.33
C HIS D 122 25.70 -8.39 19.73
N ASP D 123 26.16 -8.60 18.51
CA ASP D 123 27.09 -7.67 17.88
C ASP D 123 26.40 -6.44 17.34
N LEU D 124 27.01 -5.29 17.60
CA LEU D 124 26.69 -4.06 16.89
C LEU D 124 27.88 -3.75 15.99
N ALA D 125 27.78 -4.18 14.74
CA ALA D 125 28.90 -4.11 13.79
C ALA D 125 28.72 -2.95 12.81
N PHE D 126 29.83 -2.24 12.56
CA PHE D 126 29.86 -1.07 11.68
C PHE D 126 31.02 -1.11 10.71
N ASN D 127 30.85 -0.40 9.60
CA ASN D 127 31.94 -0.14 8.66
C ASN D 127 32.88 0.93 9.16
N LEU D 128 33.99 1.07 8.46
CA LEU D 128 34.84 2.24 8.60
C LEU D 128 34.07 3.45 8.07
N GLU D 129 33.40 3.28 6.94
CA GLU D 129 32.48 4.29 6.41
C GLU D 129 31.46 4.78 7.44
N GLY D 130 31.00 3.88 8.30
CA GLY D 130 30.01 4.21 9.33
C GLY D 130 28.72 3.41 9.21
N GLU D 131 28.50 2.75 8.09
CA GLU D 131 27.28 1.98 7.85
C GLU D 131 27.15 0.81 8.82
N ALA D 132 25.92 0.45 9.18
CA ALA D 132 25.65 -0.61 10.15
C ALA D 132 25.19 -1.90 9.50
N GLU D 133 25.45 -3.00 10.19
CA GLU D 133 24.97 -4.32 9.79
C GLU D 133 23.48 -4.39 10.11
N GLU D 134 22.75 -5.20 9.34
CA GLU D 134 21.28 -5.28 9.43
C GLU D 134 20.73 -5.42 10.85
N SER D 135 21.29 -6.36 11.61
CA SER D 135 20.87 -6.59 12.99
C SER D 135 21.19 -5.38 13.86
N CYS D 136 22.40 -4.85 13.71
CA CYS D 136 22.79 -3.63 14.41
C CYS D 136 21.82 -2.49 14.12
N ALA D 137 21.43 -2.34 12.85
CA ALA D 137 20.54 -1.28 12.42
C ALA D 137 19.14 -1.40 13.03
N LEU D 138 18.67 -2.63 13.20
CA LEU D 138 17.35 -2.87 13.81
C LEU D 138 17.30 -2.51 15.30
N VAL D 139 18.45 -2.49 15.97
CA VAL D 139 18.52 -2.12 17.38
C VAL D 139 18.54 -0.61 17.61
N LEU D 140 19.19 0.13 16.72
CA LEU D 140 19.44 1.55 16.93
C LEU D 140 18.35 2.45 16.37
N ARG D 141 18.21 3.62 16.98
CA ARG D 141 17.39 4.69 16.43
C ARG D 141 18.22 5.48 15.44
N GLY D 142 17.61 5.91 14.35
CA GLY D 142 18.30 6.70 13.35
C GLY D 142 19.20 7.77 13.94
N SER D 143 18.73 8.40 15.01
CA SER D 143 19.48 9.42 15.73
C SER D 143 20.88 8.94 16.12
N GLN D 144 20.94 7.78 16.77
CA GLN D 144 22.20 7.19 17.15
C GLN D 144 23.04 6.88 15.91
N LEU D 145 22.40 6.31 14.90
CA LEU D 145 23.09 5.92 13.67
C LEU D 145 23.75 7.10 12.97
N GLN D 146 23.06 8.24 12.94
CA GLN D 146 23.59 9.46 12.35
C GLN D 146 24.77 10.05 13.13
N ASP D 147 24.71 9.98 14.46
CA ASP D 147 25.83 10.42 15.31
C ASP D 147 27.08 9.57 15.07
N ILE D 148 26.89 8.25 15.00
CA ILE D 148 27.98 7.32 14.81
C ILE D 148 28.65 7.51 13.45
N LYS D 149 27.86 7.67 12.40
CA LYS D 149 28.40 7.89 11.06
C LYS D 149 29.15 9.22 10.96
N GLY D 150 28.67 10.23 11.68
CA GLY D 150 29.34 11.53 11.71
C GLY D 150 30.71 11.44 12.36
N PHE D 151 30.75 10.83 13.53
CA PHE D 151 32.00 10.58 14.25
C PHE D 151 33.00 9.84 13.38
N LEU D 152 32.55 8.74 12.77
CA LEU D 152 33.44 7.88 11.97
C LEU D 152 33.85 8.49 10.64
N CYS D 153 33.12 9.50 10.16
CA CYS D 153 33.54 10.24 8.98
C CYS D 153 34.80 11.06 9.32
N ARG D 154 34.82 11.65 10.51
CA ARG D 154 35.97 12.43 10.98
C ARG D 154 37.19 11.54 11.18
N ALA D 155 36.96 10.36 11.74
CA ALA D 155 38.00 9.37 11.99
C ALA D 155 38.75 8.98 10.72
N LEU D 156 38.03 8.76 9.62
CA LEU D 156 38.66 8.44 8.34
C LEU D 156 39.47 9.59 7.74
N GLU D 157 38.91 10.80 7.81
CA GLU D 157 39.64 11.99 7.38
C GLU D 157 40.99 12.07 8.07
N TRP D 158 41.04 11.72 9.36
CA TRP D 158 42.29 11.62 10.11
C TRP D 158 43.12 10.41 9.69
N VAL D 159 42.47 9.26 9.51
CA VAL D 159 43.19 8.08 9.03
C VAL D 159 43.92 8.40 7.71
N VAL D 160 43.19 9.01 6.78
CA VAL D 160 43.77 9.37 5.49
C VAL D 160 44.82 10.47 5.62
N SER D 161 44.53 11.48 6.44
CA SER D 161 45.46 12.58 6.70
C SER D 161 46.86 12.10 7.08
N ASN D 162 46.94 11.07 7.91
CA ASN D 162 48.22 10.54 8.38
C ASN D 162 48.65 9.24 7.67
N ASN D 163 47.94 8.90 6.60
CA ASN D 163 48.18 7.67 5.84
C ASN D 163 48.36 6.44 6.72
N LEU D 164 47.27 6.05 7.38
CA LEU D 164 47.26 4.91 8.29
C LEU D 164 46.21 3.89 7.87
N THR D 165 45.99 3.77 6.57
CA THR D 165 44.92 2.93 6.04
C THR D 165 45.22 1.43 6.14
N GLN D 166 46.49 1.05 6.01
CA GLN D 166 46.88 -0.36 6.14
C GLN D 166 47.00 -0.79 7.60
N GLU D 167 47.42 0.13 8.45
CA GLU D 167 47.59 -0.14 9.88
C GLU D 167 46.23 -0.34 10.58
N VAL D 168 45.18 0.28 10.04
CA VAL D 168 43.83 0.19 10.60
C VAL D 168 43.10 -1.07 10.11
N VAL D 169 43.18 -1.33 8.81
CA VAL D 169 42.59 -2.55 8.26
C VAL D 169 43.29 -3.78 8.87
N GLU D 170 44.62 -3.70 9.03
CA GLU D 170 45.38 -4.75 9.71
C GLU D 170 44.85 -4.99 11.12
N THR D 171 44.73 -3.91 11.88
CA THR D 171 44.19 -3.99 13.23
C THR D 171 42.80 -4.63 13.27
N ILE D 172 41.95 -4.24 12.32
CA ILE D 172 40.56 -4.74 12.22
C ILE D 172 40.43 -6.25 11.99
N SER D 173 41.44 -6.88 11.41
CA SER D 173 41.41 -8.32 11.09
C SER D 173 41.44 -9.21 12.33
N GLY D 174 41.50 -10.44 12.19
N ASP E 10 -15.09 -4.89 -30.72
CA ASP E 10 -15.95 -5.59 -29.71
C ASP E 10 -17.38 -5.00 -29.61
N ARG E 11 -17.52 -3.70 -29.83
CA ARG E 11 -18.82 -3.06 -29.69
C ARG E 11 -19.70 -3.28 -30.92
N PRO E 12 -21.02 -3.47 -30.71
CA PRO E 12 -21.93 -3.46 -31.86
C PRO E 12 -21.99 -2.07 -32.50
N ASP E 13 -22.19 -2.01 -33.80
CA ASP E 13 -22.17 -0.73 -34.53
C ASP E 13 -23.36 0.17 -34.23
N HIS E 14 -24.47 -0.42 -33.80
CA HIS E 14 -25.66 0.37 -33.47
C HIS E 14 -25.53 1.12 -32.13
N ILE E 15 -24.62 0.66 -31.28
CA ILE E 15 -24.30 1.38 -30.04
C ILE E 15 -23.23 2.42 -30.35
N ASP E 16 -23.38 3.62 -29.81
CA ASP E 16 -22.44 4.68 -30.05
C ASP E 16 -21.14 4.41 -29.30
N SER E 17 -20.03 4.88 -29.87
CA SER E 17 -18.69 4.70 -29.30
C SER E 17 -18.57 5.27 -27.88
N ARG E 18 -19.01 6.52 -27.73
CA ARG E 18 -18.98 7.19 -26.44
C ARG E 18 -19.79 6.48 -25.35
N VAL E 19 -20.93 5.91 -25.74
CA VAL E 19 -21.78 5.19 -24.80
C VAL E 19 -21.05 3.94 -24.36
N TRP E 20 -20.44 3.29 -25.35
CA TRP E 20 -19.70 2.06 -25.14
C TRP E 20 -18.55 2.26 -24.17
N GLU E 21 -17.77 3.31 -24.38
CA GLU E 21 -16.64 3.58 -23.49
C GLU E 21 -17.04 4.09 -22.12
N LEU E 22 -18.25 4.65 -22.00
CA LEU E 22 -18.78 5.02 -20.70
C LEU E 22 -19.22 3.78 -19.91
N SER E 23 -19.76 2.79 -20.62
CA SER E 23 -20.22 1.54 -19.99
C SER E 23 -19.07 0.69 -19.44
N GLU E 24 -17.89 0.83 -20.04
CA GLU E 24 -16.74 -0.03 -19.73
C GLU E 24 -16.53 -0.25 -18.24
N THR E 25 -16.54 0.85 -17.47
CA THR E 25 -16.16 0.80 -16.05
C THR E 25 -17.37 0.74 -15.10
N GLN E 26 -18.58 0.72 -15.63
CA GLN E 26 -19.78 0.89 -14.78
C GLN E 26 -20.14 -0.35 -13.97
N GLU E 27 -19.61 -1.49 -14.37
CA GLU E 27 -19.93 -2.75 -13.74
C GLU E 27 -18.85 -3.73 -14.14
N ASP E 28 -18.68 -4.82 -13.39
CA ASP E 28 -17.67 -5.82 -13.72
C ASP E 28 -18.22 -6.89 -14.67
N TRP E 29 -18.25 -6.56 -15.95
CA TRP E 29 -18.93 -7.39 -16.95
C TRP E 29 -18.31 -8.78 -17.10
N ILE E 30 -16.98 -8.84 -17.13
CA ILE E 30 -16.25 -10.09 -17.37
C ILE E 30 -16.63 -11.19 -16.38
N THR E 31 -16.88 -10.80 -15.13
CA THR E 31 -17.25 -11.75 -14.07
C THR E 31 -18.62 -12.40 -14.28
N GLN E 32 -19.49 -11.73 -15.02
CA GLN E 32 -20.86 -12.19 -15.22
C GLN E 32 -20.96 -13.19 -16.37
N VAL E 33 -21.84 -14.17 -16.21
CA VAL E 33 -22.35 -14.91 -17.36
C VAL E 33 -23.31 -13.95 -18.06
N HIS E 34 -23.41 -14.05 -19.38
CA HIS E 34 -24.18 -13.10 -20.18
C HIS E 34 -23.67 -11.66 -20.01
N GLY E 35 -22.42 -11.53 -19.59
CA GLY E 35 -21.87 -10.22 -19.20
C GLY E 35 -21.82 -9.24 -20.34
N HIS E 36 -21.41 -9.72 -21.52
CA HIS E 36 -21.42 -8.90 -22.73
C HIS E 36 -22.83 -8.51 -23.13
N VAL E 37 -23.76 -9.45 -23.06
CA VAL E 37 -25.16 -9.18 -23.41
C VAL E 37 -25.77 -8.17 -22.42
N ARG E 38 -25.47 -8.30 -21.13
CA ARG E 38 -25.96 -7.35 -20.14
C ARG E 38 -25.42 -5.94 -20.37
N ARG E 39 -24.13 -5.84 -20.72
CA ARG E 39 -23.51 -4.55 -21.03
C ARG E 39 -24.28 -3.86 -22.14
N VAL E 40 -24.55 -4.61 -23.21
CA VAL E 40 -25.33 -4.11 -24.32
C VAL E 40 -26.71 -3.64 -23.86
N VAL E 41 -27.39 -4.45 -23.06
CA VAL E 41 -28.72 -4.07 -22.56
C VAL E 41 -28.67 -2.75 -21.78
N GLU E 42 -27.66 -2.55 -20.95
CA GLU E 42 -27.52 -1.30 -20.22
C GLU E 42 -27.26 -0.12 -21.16
N CYS E 43 -26.47 -0.36 -22.20
CA CYS E 43 -26.24 0.67 -23.21
C CYS E 43 -27.54 1.09 -23.88
N TRP E 44 -28.44 0.14 -24.11
CA TRP E 44 -29.74 0.45 -24.71
C TRP E 44 -30.51 1.43 -23.84
N LYS E 45 -30.59 1.11 -22.55
CA LYS E 45 -31.24 1.95 -21.56
C LYS E 45 -30.62 3.33 -21.52
N TYR E 46 -29.29 3.40 -21.55
CA TYR E 46 -28.60 4.70 -21.53
C TYR E 46 -28.84 5.46 -22.83
N THR E 47 -28.73 4.76 -23.95
CA THR E 47 -29.01 5.38 -25.24
C THR E 47 -30.42 5.95 -25.31
N ILE E 48 -31.38 5.24 -24.70
CA ILE E 48 -32.77 5.68 -24.63
C ILE E 48 -32.89 6.94 -23.79
N CYS E 49 -32.20 6.99 -22.66
CA CYS E 49 -32.15 8.19 -21.82
C CYS E 49 -31.69 9.42 -22.59
N CYS E 50 -30.71 9.22 -23.48
CA CYS E 50 -30.21 10.32 -24.31
C CYS E 50 -31.22 10.72 -25.36
N LEU E 51 -31.88 9.74 -25.97
CA LEU E 51 -32.89 10.00 -26.99
C LEU E 51 -34.11 10.74 -26.46
N ILE E 52 -34.41 10.55 -25.18
CA ILE E 52 -35.52 11.25 -24.52
C ILE E 52 -35.16 12.70 -24.17
N SER E 53 -33.91 12.93 -23.76
CA SER E 53 -33.53 14.22 -23.19
C SER E 53 -33.13 15.31 -24.20
N ASN E 54 -33.37 15.10 -25.49
CA ASN E 54 -33.13 16.16 -26.51
C ASN E 54 -34.22 17.24 -26.59
N HIS E 56 -36.80 20.29 -24.92
CA HIS E 56 -36.62 21.49 -24.10
C HIS E 56 -37.98 22.14 -23.80
N THR E 57 -38.07 22.87 -22.69
CA THR E 57 -39.31 23.55 -22.30
C THR E 57 -39.74 24.56 -23.38
N GLY E 60 -36.86 27.45 -23.23
CA GLY E 60 -36.10 26.48 -24.02
C GLY E 60 -34.99 25.81 -23.23
N ALA E 61 -35.19 25.69 -21.91
CA ALA E 61 -34.20 25.07 -21.02
C ALA E 61 -34.44 23.57 -20.98
N PRO E 62 -33.35 22.76 -20.82
CA PRO E 62 -33.42 21.29 -20.89
C PRO E 62 -34.55 20.72 -20.06
N GLN E 63 -35.32 19.80 -20.63
CA GLN E 63 -36.48 19.23 -19.96
C GLN E 63 -36.04 18.18 -18.94
N TYR E 64 -35.10 17.34 -19.36
CA TYR E 64 -34.66 16.20 -18.59
C TYR E 64 -33.20 16.36 -18.16
N ASP E 65 -32.87 15.78 -17.01
CA ASP E 65 -31.50 15.59 -16.57
C ASP E 65 -31.31 14.09 -16.52
N VAL E 66 -30.16 13.59 -16.96
CA VAL E 66 -29.88 12.15 -16.94
C VAL E 66 -28.90 11.84 -15.82
N PHE E 67 -29.32 10.99 -14.88
CA PHE E 67 -28.46 10.57 -13.75
C PHE E 67 -27.64 9.32 -14.03
N LYS E 68 -28.09 8.50 -14.98
CA LYS E 68 -27.49 7.21 -15.20
C LYS E 68 -26.01 7.33 -15.59
N TRP E 69 -25.18 6.55 -14.91
CA TRP E 69 -23.73 6.52 -15.14
C TRP E 69 -23.04 7.90 -15.02
N GLN E 70 -23.57 8.77 -14.18
CA GLN E 70 -22.93 10.04 -13.91
C GLN E 70 -22.11 9.87 -12.67
N ASP E 71 -21.15 10.77 -12.48
CA ASP E 71 -20.39 10.83 -11.24
C ASP E 71 -21.38 10.95 -10.08
N ARG E 72 -21.03 10.31 -8.98
CA ARG E 72 -21.91 10.25 -7.83
C ARG E 72 -22.11 11.62 -7.21
N SER E 73 -21.01 12.38 -7.07
CA SER E 73 -21.05 13.68 -6.40
C SER E 73 -21.89 14.75 -7.14
N THR E 74 -22.07 14.59 -8.45
CA THR E 74 -22.95 15.48 -9.21
C THR E 74 -24.42 15.12 -9.01
N ILE E 75 -24.73 13.83 -8.95
CA ILE E 75 -26.10 13.40 -8.67
C ILE E 75 -26.52 13.96 -7.32
N GLU E 76 -25.60 13.89 -6.35
CA GLU E 76 -25.87 14.38 -4.99
C GLU E 76 -26.05 15.88 -4.93
N TRP E 77 -25.27 16.60 -5.72
CA TRP E 77 -25.31 18.06 -5.71
C TRP E 77 -26.67 18.62 -6.16
N ILE E 78 -27.22 18.11 -7.27
CA ILE E 78 -28.52 18.59 -7.78
C ILE E 78 -29.72 18.19 -6.95
N CYS E 79 -29.70 16.97 -6.44
CA CYS E 79 -30.78 16.51 -5.57
C CYS E 79 -30.85 17.36 -4.30
N SER E 80 -29.72 17.87 -3.83
CA SER E 80 -29.72 18.87 -2.74
C SER E 80 -30.44 20.14 -3.16
N LYS E 81 -30.10 20.66 -4.34
CA LYS E 81 -30.72 21.88 -4.86
C LYS E 81 -32.20 21.71 -5.14
N LYS E 82 -32.60 20.51 -5.52
CA LYS E 82 -33.99 20.22 -5.86
C LYS E 82 -34.75 19.62 -4.70
N LYS E 83 -34.11 19.54 -3.53
CA LYS E 83 -34.75 19.03 -2.32
C LYS E 83 -35.45 17.73 -2.63
N VAL E 84 -34.65 16.78 -3.09
CA VAL E 84 -35.13 15.47 -3.48
C VAL E 84 -34.05 14.48 -3.06
N GLN E 85 -34.43 13.23 -2.85
CA GLN E 85 -33.55 12.25 -2.21
C GLN E 85 -33.86 10.83 -2.70
N TYR E 86 -32.84 10.17 -3.25
CA TYR E 86 -32.96 8.77 -3.68
C TYR E 86 -31.84 7.95 -3.07
N PRO E 87 -32.10 6.67 -2.77
CA PRO E 87 -31.00 5.85 -2.25
C PRO E 87 -29.94 5.61 -3.32
N GLU E 88 -28.70 5.38 -2.90
CA GLU E 88 -27.59 5.12 -3.82
C GLU E 88 -27.83 3.81 -4.55
N ARG E 89 -28.42 2.83 -3.87
CA ARG E 89 -28.85 1.57 -4.50
C ARG E 89 -29.88 1.76 -5.61
N ASP E 90 -30.89 2.60 -5.34
CA ASP E 90 -32.00 2.85 -6.27
C ASP E 90 -32.04 4.31 -6.70
N THR E 91 -31.26 4.65 -7.72
CA THR E 91 -31.27 6.00 -8.25
C THR E 91 -31.94 5.97 -9.62
N PRO E 92 -32.80 6.94 -9.89
CA PRO E 92 -33.52 6.97 -11.16
C PRO E 92 -32.60 7.35 -12.32
N ASP E 93 -32.98 6.97 -13.53
CA ASP E 93 -32.14 7.17 -14.70
C ASP E 93 -32.20 8.60 -15.22
N LEU E 94 -33.39 9.21 -15.19
CA LEU E 94 -33.52 10.60 -15.57
C LEU E 94 -34.58 11.36 -14.75
N TYR E 95 -34.59 12.67 -14.88
CA TYR E 95 -35.44 13.54 -14.07
C TYR E 95 -36.07 14.62 -14.93
N ASP E 96 -37.38 14.72 -14.89
CA ASP E 96 -38.10 15.72 -15.65
C ASP E 96 -38.14 17.03 -14.88
N ASN E 97 -37.36 18.01 -15.34
CA ASN E 97 -37.24 19.31 -14.65
C ASN E 97 -38.56 20.11 -14.66
N GLU E 98 -39.47 19.75 -15.55
CA GLU E 98 -40.76 20.44 -15.72
C GLU E 98 -41.75 20.02 -14.65
N ARG E 99 -41.84 18.70 -14.43
CA ARG E 99 -42.82 18.12 -13.53
C ARG E 99 -42.27 17.78 -12.15
N ALA E 100 -40.94 17.82 -11.99
CA ALA E 100 -40.28 17.44 -10.74
C ALA E 100 -40.61 16.00 -10.33
N VAL E 101 -40.44 15.12 -11.32
CA VAL E 101 -40.78 13.70 -11.24
C VAL E 101 -39.63 12.92 -11.89
N ALA E 102 -39.36 11.70 -11.41
CA ALA E 102 -38.22 10.91 -11.88
C ALA E 102 -38.64 9.60 -12.54
N TYR E 103 -37.77 9.05 -13.40
CA TYR E 103 -38.05 7.83 -14.15
C TYR E 103 -36.90 6.83 -14.20
N LYS E 104 -37.25 5.60 -14.56
CA LYS E 104 -36.29 4.51 -14.70
C LYS E 104 -36.61 3.78 -15.99
N VAL E 105 -35.61 3.69 -16.88
CA VAL E 105 -35.80 3.00 -18.15
C VAL E 105 -35.64 1.50 -17.92
N LEU E 106 -36.74 0.77 -18.03
CA LEU E 106 -36.71 -0.69 -17.94
C LEU E 106 -36.98 -1.31 -19.29
N LEU E 107 -36.32 -2.45 -19.56
CA LEU E 107 -36.66 -3.29 -20.69
C LEU E 107 -37.35 -4.53 -20.17
N VAL E 108 -38.52 -4.83 -20.73
CA VAL E 108 -39.34 -5.92 -20.24
C VAL E 108 -39.89 -6.69 -21.42
N SER E 109 -40.10 -7.99 -21.23
CA SER E 109 -40.72 -8.83 -22.26
C SER E 109 -42.25 -8.72 -22.23
N ASP E 110 -42.82 -8.67 -21.03
CA ASP E 110 -44.29 -8.54 -20.87
C ASP E 110 -44.77 -7.15 -20.41
N LEU E 111 -45.20 -6.34 -21.38
CA LEU E 111 -45.74 -5.00 -21.13
C LEU E 111 -47.18 -5.02 -20.61
N SER E 112 -47.93 -6.03 -21.03
CA SER E 112 -49.37 -6.06 -20.80
C SER E 112 -49.81 -5.79 -19.36
N ASP E 113 -49.38 -6.65 -18.43
CA ASP E 113 -49.80 -6.54 -17.03
C ASP E 113 -48.64 -6.04 -16.15
N HIS E 114 -48.03 -4.94 -16.57
CA HIS E 114 -46.84 -4.41 -15.89
C HIS E 114 -47.18 -3.65 -14.61
N SER E 115 -46.41 -3.95 -13.55
CA SER E 115 -46.61 -3.33 -12.24
C SER E 115 -45.38 -2.50 -11.90
N PRO E 116 -45.58 -1.31 -11.29
CA PRO E 116 -44.44 -0.43 -11.05
C PRO E 116 -43.36 -1.04 -10.14
N THR E 117 -42.10 -0.77 -10.47
CA THR E 117 -40.96 -1.32 -9.76
C THR E 117 -40.71 -0.60 -8.44
N SER E 118 -41.23 0.62 -8.32
CA SER E 118 -40.90 1.50 -7.22
C SER E 118 -42.09 2.36 -6.87
N GLY E 119 -41.96 3.11 -5.79
CA GLY E 119 -42.89 4.16 -5.41
C GLY E 119 -42.20 5.50 -5.19
N ILE E 120 -40.90 5.55 -5.47
CA ILE E 120 -40.12 6.79 -5.37
C ILE E 120 -39.89 7.39 -6.77
N TYR E 121 -40.01 6.57 -7.81
CA TYR E 121 -39.92 7.02 -9.20
C TYR E 121 -40.84 6.16 -10.08
N HIS E 122 -41.01 6.58 -11.33
CA HIS E 122 -41.87 5.89 -12.28
C HIS E 122 -41.05 5.10 -13.28
N ASP E 123 -41.67 4.09 -13.89
CA ASP E 123 -40.99 3.28 -14.90
C ASP E 123 -41.34 3.70 -16.33
N LEU E 124 -40.31 3.72 -17.19
CA LEU E 124 -40.49 3.87 -18.64
C LEU E 124 -40.15 2.52 -19.28
N ALA E 125 -41.16 1.66 -19.41
CA ALA E 125 -40.95 0.28 -19.86
C ALA E 125 -41.07 0.12 -21.38
N PHE E 126 -40.22 -0.73 -21.95
CA PHE E 126 -40.20 -0.95 -23.39
C PHE E 126 -40.01 -2.42 -23.75
N ASN E 127 -40.48 -2.77 -24.96
CA ASN E 127 -40.33 -4.11 -25.55
C ASN E 127 -38.99 -4.24 -26.25
N LEU E 128 -38.68 -5.45 -26.70
CA LEU E 128 -37.58 -5.68 -27.63
C LEU E 128 -37.95 -5.16 -29.02
N GLU E 129 -39.22 -5.33 -29.40
CA GLU E 129 -39.76 -4.73 -30.62
C GLU E 129 -39.83 -3.20 -30.57
N GLY E 130 -39.74 -2.63 -29.36
CA GLY E 130 -39.69 -1.18 -29.18
C GLY E 130 -41.00 -0.57 -28.76
N GLU E 131 -42.02 -1.40 -28.53
CA GLU E 131 -43.32 -0.93 -28.11
C GLU E 131 -43.26 -0.43 -26.67
N ALA E 132 -44.01 0.62 -26.37
CA ALA E 132 -43.98 1.24 -25.03
C ALA E 132 -45.16 0.77 -24.16
N GLU E 133 -44.91 0.66 -22.86
CA GLU E 133 -45.93 0.24 -21.91
C GLU E 133 -46.98 1.34 -21.76
N GLU E 134 -48.23 0.97 -21.49
CA GLU E 134 -49.33 1.95 -21.44
C GLU E 134 -48.97 3.26 -20.74
N SER E 135 -48.31 3.15 -19.58
CA SER E 135 -47.93 4.31 -18.76
C SER E 135 -46.77 5.11 -19.32
N CYS E 136 -45.86 4.41 -20.00
CA CYS E 136 -44.75 5.04 -20.69
C CYS E 136 -45.24 5.81 -21.93
N ALA E 137 -46.24 5.24 -22.59
CA ALA E 137 -46.87 5.87 -23.74
C ALA E 137 -47.53 7.19 -23.35
N LEU E 138 -48.19 7.22 -22.20
CA LEU E 138 -48.85 8.43 -21.71
C LEU E 138 -47.87 9.59 -21.53
N VAL E 139 -46.65 9.28 -21.11
CA VAL E 139 -45.66 10.30 -20.75
C VAL E 139 -44.94 10.91 -21.96
N LEU E 140 -44.40 10.04 -22.82
CA LEU E 140 -43.51 10.45 -23.91
C LEU E 140 -44.27 10.93 -25.15
N ARG E 141 -43.72 11.96 -25.78
CA ARG E 141 -44.25 12.47 -27.04
C ARG E 141 -43.95 11.49 -28.17
N GLY E 142 -44.75 11.54 -29.23
CA GLY E 142 -44.57 10.65 -30.37
C GLY E 142 -43.21 10.80 -31.04
N SER E 143 -42.73 12.04 -31.06
CA SER E 143 -41.38 12.36 -31.52
C SER E 143 -40.32 11.47 -30.88
N GLN E 144 -40.49 11.22 -29.59
CA GLN E 144 -39.54 10.46 -28.80
C GLN E 144 -39.69 8.93 -28.97
N LEU E 145 -40.91 8.46 -29.23
CA LEU E 145 -41.14 7.03 -29.40
C LEU E 145 -40.63 6.50 -30.74
N GLN E 146 -40.80 7.27 -31.81
CA GLN E 146 -40.23 6.92 -33.11
C GLN E 146 -38.73 6.66 -33.00
N ASP E 147 -38.03 7.57 -32.34
CA ASP E 147 -36.58 7.49 -32.16
C ASP E 147 -36.17 6.26 -31.37
N ILE E 148 -36.93 5.94 -30.33
CA ILE E 148 -36.68 4.77 -29.49
C ILE E 148 -36.95 3.48 -30.25
N LYS E 149 -38.12 3.40 -30.87
CA LYS E 149 -38.50 2.20 -31.64
C LYS E 149 -37.61 1.97 -32.85
N GLY E 150 -37.11 3.05 -33.45
CA GLY E 150 -36.13 2.96 -34.53
C GLY E 150 -34.78 2.45 -34.07
N PHE E 151 -34.35 2.90 -32.90
CA PHE E 151 -33.11 2.41 -32.30
C PHE E 151 -33.21 0.94 -31.89
N LEU E 152 -34.35 0.53 -31.36
CA LEU E 152 -34.51 -0.86 -30.91
C LEU E 152 -34.77 -1.84 -32.06
N CYS E 153 -35.18 -1.32 -33.23
CA CYS E 153 -35.20 -2.12 -34.45
C CYS E 153 -33.77 -2.48 -34.86
N ARG E 154 -32.89 -1.49 -34.86
CA ARG E 154 -31.49 -1.70 -35.18
C ARG E 154 -30.81 -2.60 -34.15
N ALA E 155 -31.23 -2.48 -32.89
CA ALA E 155 -30.75 -3.36 -31.83
C ALA E 155 -31.29 -4.78 -31.98
N LEU E 156 -32.55 -4.92 -32.35
CA LEU E 156 -33.17 -6.23 -32.57
C LEU E 156 -32.54 -6.96 -33.76
N GLU E 157 -32.15 -6.21 -34.77
CA GLU E 157 -31.48 -6.77 -35.95
C GLU E 157 -30.16 -7.43 -35.55
N TRP E 158 -29.36 -6.71 -34.77
CA TRP E 158 -28.09 -7.22 -34.27
C TRP E 158 -28.28 -8.47 -33.42
N VAL E 159 -29.32 -8.47 -32.59
CA VAL E 159 -29.66 -9.62 -31.76
C VAL E 159 -29.97 -10.85 -32.61
N VAL E 160 -30.78 -10.66 -33.66
CA VAL E 160 -31.22 -11.77 -34.51
C VAL E 160 -30.09 -12.25 -35.42
N SER E 161 -29.25 -11.32 -35.88
CA SER E 161 -28.09 -11.64 -36.72
C SER E 161 -27.08 -12.54 -36.02
N ASN E 162 -26.95 -12.39 -34.70
CA ASN E 162 -26.01 -13.18 -33.91
C ASN E 162 -26.70 -14.29 -33.10
N ASN E 163 -27.94 -14.61 -33.45
CA ASN E 163 -28.69 -15.67 -32.80
C ASN E 163 -28.66 -15.54 -31.26
N LEU E 164 -28.78 -14.29 -30.78
CA LEU E 164 -28.70 -14.00 -29.35
C LEU E 164 -30.06 -13.84 -28.68
N THR E 165 -31.14 -14.23 -29.36
CA THR E 165 -32.50 -13.96 -28.89
C THR E 165 -32.87 -14.61 -27.55
N GLN E 166 -32.43 -15.84 -27.32
CA GLN E 166 -32.68 -16.49 -26.03
C GLN E 166 -31.96 -15.79 -24.89
N GLU E 167 -30.65 -15.60 -25.03
CA GLU E 167 -29.85 -14.93 -23.99
C GLU E 167 -30.47 -13.60 -23.57
N VAL E 168 -30.92 -12.82 -24.55
CA VAL E 168 -31.50 -11.51 -24.28
C VAL E 168 -32.83 -11.64 -23.52
N VAL E 169 -33.69 -12.55 -23.96
CA VAL E 169 -34.96 -12.82 -23.27
C VAL E 169 -34.72 -13.28 -21.82
N GLU E 170 -33.75 -14.18 -21.63
CA GLU E 170 -33.39 -14.70 -20.30
C GLU E 170 -32.94 -13.60 -19.33
N THR E 171 -32.10 -12.69 -19.82
CA THR E 171 -31.53 -11.64 -18.97
C THR E 171 -32.50 -10.48 -18.71
N ILE E 172 -33.77 -10.65 -19.06
CA ILE E 172 -34.83 -9.69 -18.72
C ILE E 172 -35.82 -10.31 -17.71
N THR F 9 2.71 39.31 -18.76
CA THR F 9 1.71 38.66 -17.86
C THR F 9 1.13 39.69 -16.87
N ASP F 10 0.11 40.41 -17.33
CA ASP F 10 -0.57 41.44 -16.55
C ASP F 10 -2.07 41.26 -16.75
N ARG F 11 -2.88 41.73 -15.81
CA ARG F 11 -4.35 41.75 -16.00
C ARG F 11 -4.68 42.52 -17.28
N PRO F 12 -5.40 41.89 -18.21
CA PRO F 12 -5.79 42.60 -19.44
C PRO F 12 -6.79 43.73 -19.22
N ASP F 13 -6.97 44.56 -20.26
CA ASP F 13 -7.96 45.63 -20.23
C ASP F 13 -9.36 45.03 -20.12
N HIS F 14 -9.68 44.10 -21.00
CA HIS F 14 -11.04 43.57 -21.14
C HIS F 14 -11.56 42.77 -19.94
N ILE F 15 -10.67 42.31 -19.08
CA ILE F 15 -11.09 41.59 -17.88
C ILE F 15 -11.46 42.61 -16.81
N ASP F 16 -12.50 42.29 -16.05
CA ASP F 16 -12.96 43.16 -14.96
C ASP F 16 -11.96 43.16 -13.81
N SER F 17 -11.91 44.28 -13.08
CA SER F 17 -11.05 44.40 -11.91
C SER F 17 -11.39 43.34 -10.86
N ARG F 18 -12.68 43.23 -10.55
CA ARG F 18 -13.17 42.29 -9.51
C ARG F 18 -12.87 40.85 -9.91
N VAL F 19 -13.11 40.53 -11.18
CA VAL F 19 -12.90 39.19 -11.69
C VAL F 19 -11.46 38.75 -11.44
N TRP F 20 -10.52 39.55 -11.96
CA TRP F 20 -9.09 39.26 -11.80
C TRP F 20 -8.71 39.09 -10.34
N GLU F 21 -9.13 40.04 -9.50
CA GLU F 21 -8.82 39.98 -8.06
C GLU F 21 -9.39 38.71 -7.39
N LEU F 22 -10.59 38.32 -7.80
CA LEU F 22 -11.22 37.08 -7.31
C LEU F 22 -10.50 35.83 -7.81
N SER F 23 -10.00 35.88 -9.03
CA SER F 23 -9.39 34.71 -9.66
C SER F 23 -8.07 34.28 -9.02
N GLU F 24 -7.35 35.23 -8.42
CA GLU F 24 -5.95 35.04 -8.00
C GLU F 24 -5.70 33.75 -7.21
N THR F 25 -6.47 33.54 -6.14
CA THR F 25 -6.25 32.39 -5.25
C THR F 25 -7.17 31.20 -5.55
N GLN F 26 -7.93 31.27 -6.64
CA GLN F 26 -8.87 30.20 -7.01
C GLN F 26 -8.15 28.97 -7.58
N GLU F 27 -7.01 29.22 -8.22
CA GLU F 27 -6.16 28.14 -8.74
C GLU F 27 -4.71 28.62 -8.63
N ASP F 28 -3.78 27.72 -8.31
CA ASP F 28 -2.39 28.10 -8.11
C ASP F 28 -1.68 28.25 -9.48
N TRP F 29 -1.71 29.48 -10.00
CA TRP F 29 -1.45 29.72 -11.43
C TRP F 29 0.01 29.59 -11.87
N ILE F 30 0.95 29.99 -11.02
CA ILE F 30 2.38 29.96 -11.40
C ILE F 30 2.84 28.52 -11.69
N THR F 31 2.38 27.58 -10.88
CA THR F 31 2.70 26.16 -11.01
C THR F 31 2.33 25.54 -12.37
N GLN F 32 1.21 25.99 -12.94
CA GLN F 32 0.66 25.38 -14.15
C GLN F 32 1.37 25.85 -15.42
N VAL F 33 1.25 25.05 -16.47
CA VAL F 33 1.73 25.40 -17.80
C VAL F 33 0.73 26.38 -18.43
N HIS F 34 1.25 27.45 -19.03
CA HIS F 34 0.42 28.56 -19.55
C HIS F 34 -0.46 29.13 -18.42
N GLY F 35 0.15 29.31 -17.26
CA GLY F 35 -0.56 29.65 -16.03
C GLY F 35 -1.23 31.01 -16.02
N HIS F 36 -0.58 31.99 -16.63
CA HIS F 36 -1.19 33.31 -16.79
C HIS F 36 -2.40 33.24 -17.73
N VAL F 37 -2.24 32.53 -18.84
CA VAL F 37 -3.32 32.35 -19.83
C VAL F 37 -4.49 31.55 -19.25
N ARG F 38 -4.19 30.42 -18.60
CA ARG F 38 -5.24 29.60 -17.99
C ARG F 38 -6.12 30.41 -17.03
N ARG F 39 -5.49 31.36 -16.33
CA ARG F 39 -6.23 32.28 -15.47
C ARG F 39 -7.15 33.17 -16.29
N VAL F 40 -6.63 33.69 -17.40
CA VAL F 40 -7.38 34.58 -18.27
C VAL F 40 -8.58 33.87 -18.88
N VAL F 41 -8.35 32.68 -19.44
CA VAL F 41 -9.43 31.85 -19.99
C VAL F 41 -10.52 31.58 -18.95
N GLU F 42 -10.11 31.19 -17.74
CA GLU F 42 -11.08 30.98 -16.67
C GLU F 42 -11.79 32.29 -16.33
N CYS F 43 -11.10 33.42 -16.49
CA CYS F 43 -11.73 34.73 -16.29
C CYS F 43 -12.74 35.09 -17.41
N TRP F 44 -12.53 34.55 -18.61
CA TRP F 44 -13.53 34.71 -19.65
C TRP F 44 -14.80 33.99 -19.23
N LYS F 45 -14.64 32.74 -18.81
CA LYS F 45 -15.76 31.91 -18.39
C LYS F 45 -16.57 32.53 -17.26
N TYR F 46 -15.91 33.09 -16.25
CA TYR F 46 -16.63 33.76 -15.16
C TYR F 46 -17.37 34.99 -15.66
N THR F 47 -16.72 35.75 -16.54
CA THR F 47 -17.34 36.90 -17.16
C THR F 47 -18.61 36.49 -17.92
N ILE F 48 -18.50 35.43 -18.72
CA ILE F 48 -19.67 34.86 -19.39
C ILE F 48 -20.79 34.57 -18.38
N CYS F 49 -20.45 33.87 -17.31
CA CYS F 49 -21.41 33.55 -16.25
C CYS F 49 -22.13 34.81 -15.76
N CYS F 50 -21.39 35.89 -15.56
CA CYS F 50 -21.99 37.15 -15.12
C CYS F 50 -22.88 37.76 -16.18
N LEU F 51 -22.43 37.75 -17.44
CA LEU F 51 -23.22 38.30 -18.53
C LEU F 51 -24.58 37.61 -18.63
N ILE F 52 -24.59 36.29 -18.45
CA ILE F 52 -25.81 35.49 -18.53
C ILE F 52 -26.75 35.78 -17.36
N SER F 53 -26.17 35.95 -16.17
CA SER F 53 -26.96 36.20 -14.97
C SER F 53 -27.29 37.69 -14.80
N ASN F 54 -27.64 38.36 -15.89
CA ASN F 54 -28.28 39.68 -15.84
C ASN F 54 -29.72 39.57 -16.37
N HIS F 56 -33.66 38.65 -14.71
CA HIS F 56 -34.27 38.82 -13.39
C HIS F 56 -35.75 38.44 -13.39
N PRO F 62 -33.63 37.56 -9.65
CA PRO F 62 -32.53 36.98 -10.42
C PRO F 62 -32.88 35.60 -10.94
N GLN F 63 -32.68 35.37 -12.23
CA GLN F 63 -32.99 34.08 -12.86
C GLN F 63 -31.87 33.08 -12.62
N TYR F 64 -30.62 33.58 -12.64
CA TYR F 64 -29.44 32.74 -12.56
C TYR F 64 -28.57 33.08 -11.34
N ASP F 65 -28.12 32.05 -10.62
CA ASP F 65 -27.12 32.21 -9.56
C ASP F 65 -25.78 31.67 -10.08
N VAL F 66 -24.69 32.38 -9.78
CA VAL F 66 -23.36 31.96 -10.22
C VAL F 66 -22.63 31.22 -9.10
N PHE F 67 -22.26 29.97 -9.35
CA PHE F 67 -21.58 29.13 -8.36
C PHE F 67 -20.05 29.03 -8.54
N LYS F 68 -19.58 29.38 -9.72
CA LYS F 68 -18.15 29.41 -9.99
C LYS F 68 -17.48 30.40 -9.06
N TRP F 69 -16.42 29.97 -8.40
CA TRP F 69 -15.63 30.83 -7.52
C TRP F 69 -16.46 31.48 -6.40
N GLN F 70 -17.32 30.69 -5.78
CA GLN F 70 -18.01 31.14 -4.58
C GLN F 70 -17.09 30.94 -3.37
N ASP F 71 -17.51 31.40 -2.20
CA ASP F 71 -16.65 31.44 -1.02
C ASP F 71 -16.67 30.11 -0.26
N ARG F 89 -17.05 20.11 -3.58
CA ARG F 89 -16.08 20.60 -4.57
C ARG F 89 -16.53 20.44 -6.02
N ASP F 90 -17.50 19.57 -6.28
CA ASP F 90 -17.93 19.27 -7.64
C ASP F 90 -19.13 20.14 -8.04
N THR F 91 -18.84 21.36 -8.50
CA THR F 91 -19.83 22.42 -8.61
C THR F 91 -20.10 22.79 -10.05
N PRO F 92 -21.36 23.14 -10.40
CA PRO F 92 -21.61 23.72 -11.71
C PRO F 92 -21.13 25.16 -11.77
N ASP F 93 -21.35 25.82 -12.90
CA ASP F 93 -20.94 27.22 -13.07
C ASP F 93 -22.08 28.19 -12.83
N LEU F 94 -23.30 27.83 -13.22
CA LEU F 94 -24.47 28.57 -12.76
C LEU F 94 -25.74 27.70 -12.75
N TYR F 95 -26.80 28.24 -12.15
CA TYR F 95 -28.03 27.49 -11.92
C TYR F 95 -29.23 28.38 -12.18
N ASP F 96 -30.16 27.89 -12.99
CA ASP F 96 -31.40 28.60 -13.26
C ASP F 96 -32.38 28.36 -12.12
N ASN F 97 -32.69 29.44 -11.38
CA ASN F 97 -33.56 29.35 -10.22
C ASN F 97 -34.99 28.99 -10.60
N GLU F 98 -35.51 29.64 -11.64
CA GLU F 98 -36.85 29.38 -12.12
C GLU F 98 -37.01 27.91 -12.55
N ARG F 99 -36.35 27.54 -13.65
CA ARG F 99 -36.57 26.24 -14.28
C ARG F 99 -35.86 25.06 -13.61
N ALA F 100 -35.03 25.34 -12.60
CA ALA F 100 -34.28 24.30 -11.87
C ALA F 100 -33.37 23.45 -12.78
N VAL F 101 -32.38 24.11 -13.37
CA VAL F 101 -31.39 23.48 -14.24
C VAL F 101 -29.99 24.04 -14.00
N ALA F 102 -28.99 23.16 -14.01
CA ALA F 102 -27.60 23.55 -13.80
C ALA F 102 -26.89 23.60 -15.13
N TYR F 103 -25.91 24.49 -15.24
CA TYR F 103 -25.12 24.61 -16.47
C TYR F 103 -23.62 24.77 -16.19
N LYS F 104 -22.84 24.39 -17.21
CA LYS F 104 -21.40 24.52 -17.20
C LYS F 104 -21.02 25.27 -18.46
N VAL F 105 -20.16 26.28 -18.34
CA VAL F 105 -19.70 27.05 -19.50
C VAL F 105 -18.47 26.40 -20.11
N LEU F 106 -18.51 26.14 -21.42
CA LEU F 106 -17.40 25.53 -22.13
C LEU F 106 -16.87 26.42 -23.25
N LEU F 107 -15.59 26.23 -23.57
CA LEU F 107 -14.99 26.83 -24.76
C LEU F 107 -14.45 25.71 -25.63
N VAL F 108 -14.77 25.79 -26.93
CA VAL F 108 -14.55 24.71 -27.87
C VAL F 108 -13.94 25.32 -29.15
N SER F 109 -13.27 24.50 -29.95
CA SER F 109 -12.76 24.94 -31.25
C SER F 109 -13.66 24.48 -32.40
N ASP F 110 -14.21 23.27 -32.29
CA ASP F 110 -15.13 22.73 -33.29
C ASP F 110 -16.52 22.53 -32.67
N LEU F 111 -17.50 23.32 -33.13
CA LEU F 111 -18.86 23.27 -32.58
C LEU F 111 -19.63 22.01 -32.98
N SER F 112 -19.58 21.69 -34.28
CA SER F 112 -20.26 20.51 -34.80
C SER F 112 -19.89 19.26 -34.00
N ASP F 113 -18.58 19.04 -33.83
CA ASP F 113 -18.08 17.96 -32.97
C ASP F 113 -18.31 18.32 -31.50
N HIS F 114 -19.50 17.99 -30.99
CA HIS F 114 -19.81 18.22 -29.59
C HIS F 114 -20.82 17.20 -29.07
N SER F 115 -20.38 16.41 -28.10
CA SER F 115 -21.25 15.50 -27.36
C SER F 115 -21.27 15.97 -25.89
N PRO F 116 -22.47 16.08 -25.28
CA PRO F 116 -22.57 16.49 -23.87
C PRO F 116 -21.54 15.81 -22.94
N THR F 117 -20.90 16.62 -22.09
CA THR F 117 -19.92 16.11 -21.12
C THR F 117 -20.58 15.57 -19.85
N SER F 118 -21.83 15.97 -19.64
CA SER F 118 -22.56 15.64 -18.43
C SER F 118 -24.05 15.56 -18.75
N GLY F 119 -24.73 14.67 -18.04
CA GLY F 119 -26.17 14.53 -18.12
C GLY F 119 -26.87 15.52 -17.20
N ILE F 120 -26.13 16.09 -16.26
CA ILE F 120 -26.70 16.88 -15.18
C ILE F 120 -26.32 18.36 -15.29
N TYR F 121 -25.02 18.63 -15.44
CA TYR F 121 -24.55 20.00 -15.70
C TYR F 121 -24.54 20.15 -17.20
N HIS F 122 -25.54 20.85 -17.72
CA HIS F 122 -25.71 20.95 -19.16
C HIS F 122 -24.72 21.94 -19.72
N ASP F 123 -24.15 21.61 -20.86
CA ASP F 123 -23.10 22.41 -21.47
C ASP F 123 -23.65 23.66 -22.17
N LEU F 124 -22.93 24.77 -21.99
CA LEU F 124 -23.16 26.00 -22.75
C LEU F 124 -21.87 26.35 -23.46
N ALA F 125 -21.70 25.76 -24.64
CA ALA F 125 -20.45 25.85 -25.39
C ALA F 125 -20.45 27.02 -26.38
N PHE F 126 -19.29 27.65 -26.51
CA PHE F 126 -19.09 28.76 -27.45
C PHE F 126 -17.77 28.65 -28.21
N ASN F 127 -17.75 29.24 -29.40
CA ASN F 127 -16.52 29.49 -30.15
C ASN F 127 -15.63 30.54 -29.47
N LEU F 128 -14.40 30.65 -29.97
CA LEU F 128 -13.52 31.79 -29.65
C LEU F 128 -14.04 33.04 -30.37
N GLU F 129 -14.59 32.83 -31.56
CA GLU F 129 -15.24 33.89 -32.35
C GLU F 129 -16.48 34.48 -31.67
N GLY F 130 -17.16 33.66 -30.86
CA GLY F 130 -18.36 34.08 -30.14
C GLY F 130 -19.59 33.25 -30.44
N GLU F 131 -19.56 32.49 -31.54
CA GLU F 131 -20.71 31.69 -31.96
C GLU F 131 -21.01 30.61 -30.93
N ALA F 132 -22.30 30.30 -30.75
CA ALA F 132 -22.75 29.32 -29.76
C ALA F 132 -23.29 28.06 -30.43
N GLU F 133 -23.22 26.96 -29.70
CA GLU F 133 -23.66 25.64 -30.19
C GLU F 133 -25.20 25.58 -30.24
N GLU F 134 -25.75 24.65 -31.03
CA GLU F 134 -27.22 24.52 -31.18
C GLU F 134 -27.97 24.50 -29.85
N SER F 135 -27.59 23.57 -28.98
CA SER F 135 -28.17 23.44 -27.63
C SER F 135 -28.05 24.72 -26.84
N CYS F 136 -26.93 25.42 -27.01
CA CYS F 136 -26.69 26.68 -26.31
C CYS F 136 -27.63 27.81 -26.77
N ALA F 137 -27.84 27.91 -28.08
CA ALA F 137 -28.70 28.95 -28.64
C ALA F 137 -30.19 28.73 -28.40
N LEU F 138 -30.60 27.48 -28.18
CA LEU F 138 -31.99 27.16 -27.81
C LEU F 138 -32.32 27.61 -26.38
N VAL F 139 -31.32 27.69 -25.52
CA VAL F 139 -31.55 28.04 -24.12
C VAL F 139 -31.42 29.54 -23.85
N LEU F 140 -30.39 30.17 -24.42
CA LEU F 140 -30.08 31.56 -24.12
C LEU F 140 -30.85 32.52 -25.00
N ARG F 141 -31.03 33.73 -24.50
CA ARG F 141 -31.78 34.76 -25.18
C ARG F 141 -30.79 35.55 -26.02
N GLY F 142 -31.26 36.12 -27.12
CA GLY F 142 -30.42 36.95 -27.98
C GLY F 142 -29.62 37.99 -27.20
N SER F 143 -30.29 38.59 -26.21
CA SER F 143 -29.67 39.60 -25.35
C SER F 143 -28.37 39.11 -24.70
N GLN F 144 -28.38 37.87 -24.21
CA GLN F 144 -27.22 37.29 -23.56
C GLN F 144 -26.13 36.87 -24.55
N LEU F 145 -26.54 36.33 -25.70
CA LEU F 145 -25.59 35.94 -26.74
C LEU F 145 -24.83 37.15 -27.29
N GLN F 146 -25.56 38.22 -27.58
CA GLN F 146 -24.97 39.42 -28.19
C GLN F 146 -23.95 40.08 -27.26
N ASP F 147 -24.16 39.95 -25.95
CA ASP F 147 -23.18 40.42 -24.96
C ASP F 147 -21.92 39.57 -25.02
N ILE F 148 -22.10 38.24 -25.03
CA ILE F 148 -20.98 37.29 -25.04
C ILE F 148 -20.13 37.40 -26.31
N LYS F 149 -20.79 37.43 -27.46
CA LYS F 149 -20.07 37.60 -28.73
C LYS F 149 -19.30 38.94 -28.75
N GLY F 150 -19.91 39.97 -28.17
CA GLY F 150 -19.22 41.25 -27.97
C GLY F 150 -18.02 41.12 -27.05
N PHE F 151 -18.20 40.39 -25.94
CA PHE F 151 -17.11 40.16 -24.99
C PHE F 151 -15.99 39.26 -25.54
N LEU F 152 -16.35 38.27 -26.35
CA LEU F 152 -15.36 37.29 -26.85
C LEU F 152 -14.44 37.80 -27.97
N CYS F 153 -14.96 38.58 -28.90
CA CYS F 153 -14.11 39.16 -29.97
C CYS F 153 -13.12 40.17 -29.42
N ARG F 154 -13.54 40.89 -28.38
CA ARG F 154 -12.70 41.86 -27.68
C ARG F 154 -11.57 41.17 -26.91
N ALA F 155 -11.82 39.95 -26.43
CA ALA F 155 -10.80 39.10 -25.82
C ALA F 155 -9.93 38.40 -26.87
N LEU F 156 -10.53 38.01 -27.99
CA LEU F 156 -9.79 37.40 -29.09
C LEU F 156 -8.82 38.41 -29.71
N GLU F 157 -9.24 39.67 -29.73
CA GLU F 157 -8.39 40.77 -30.15
C GLU F 157 -7.15 40.83 -29.26
N TRP F 158 -7.37 40.80 -27.94
CA TRP F 158 -6.28 40.80 -26.96
C TRP F 158 -5.31 39.63 -27.16
N VAL F 159 -5.86 38.44 -27.43
CA VAL F 159 -5.06 37.27 -27.75
C VAL F 159 -4.21 37.51 -28.99
N VAL F 160 -4.85 37.90 -30.08
CA VAL F 160 -4.16 38.09 -31.36
C VAL F 160 -3.10 39.20 -31.27
N SER F 161 -3.33 40.21 -30.43
CA SER F 161 -2.35 41.27 -30.19
C SER F 161 -1.02 40.73 -29.67
N ASN F 162 -1.09 39.66 -28.88
CA ASN F 162 0.10 39.00 -28.34
C ASN F 162 0.31 37.59 -28.91
N ASN F 163 -0.23 37.33 -30.10
CA ASN F 163 -0.26 36.00 -30.73
C ASN F 163 -0.17 34.84 -29.73
N LEU F 164 -1.20 34.70 -28.91
CA LEU F 164 -1.27 33.62 -27.92
C LEU F 164 -2.24 32.52 -28.36
N THR F 165 -2.38 32.35 -29.67
CA THR F 165 -3.43 31.51 -30.24
C THR F 165 -3.28 30.03 -29.88
N GLN F 166 -2.07 29.49 -30.00
CA GLN F 166 -1.81 28.07 -29.70
C GLN F 166 -1.82 27.75 -28.20
N GLU F 167 -1.44 28.71 -27.39
CA GLU F 167 -1.46 28.55 -25.93
C GLU F 167 -2.90 28.53 -25.40
N VAL F 168 -3.79 29.21 -26.12
CA VAL F 168 -5.21 29.20 -25.83
C VAL F 168 -5.87 27.95 -26.41
N VAL F 169 -5.58 27.63 -27.67
CA VAL F 169 -6.15 26.44 -28.30
C VAL F 169 -5.72 25.16 -27.56
N GLU F 170 -4.47 25.12 -27.09
CA GLU F 170 -4.00 24.00 -26.27
C GLU F 170 -4.81 23.87 -24.98
N THR F 171 -4.96 24.98 -24.28
CA THR F 171 -5.75 25.03 -23.05
C THR F 171 -7.19 24.51 -23.21
N ILE F 172 -7.73 24.58 -24.43
CA ILE F 172 -9.08 24.08 -24.73
C ILE F 172 -9.15 22.56 -24.94
N SER F 173 -8.02 21.92 -25.24
CA SER F 173 -7.98 20.46 -25.40
C SER F 173 -8.34 19.74 -24.09
N GLY F 174 -8.89 18.64 -24.11
#